data_8WC3
#
_entry.id   8WC3
#
loop_
_entity.id
_entity.type
_entity.pdbx_description
1 polymer 'Guanine nucleotide-binding protein G(s) subunit alpha isoforms short'
2 polymer 'Guanine nucleotide-binding protein G(I)/G(S)/G(T) subunit beta-1'
3 polymer 'Trace amine-associated receptor 1'
4 polymer scFv16
5 polymer 'Guanine nucleotide-binding protein G(I)/G(S)/G(O) subunit gamma-2'
6 non-polymer 1-[(7~{S})-5,7-dihydro-4~{H}-thieno[2,3-c]pyran-7-yl]-~{N}-methyl-methanamine
#
loop_
_entity_poly.entity_id
_entity_poly.type
_entity_poly.pdbx_seq_one_letter_code
_entity_poly.pdbx_strand_id
1 'polypeptide(L)'
;MMGCTLSAEDKAAVERSKMIEKQLQKDKQVYRATHRLLLLGADNSGKSTIVKQMRIYHVNGYSEEECKQYKAVVYSNTIQ
SIIAIIRAMGRLKIDFGDSARADDARQLFVLAGAAEEGFMTAELAGVIKRLWKDSGVQACFNRSREYQLNDSAAYYLNDL
DRIAQPNYIPTQQDVLRTRVKTSGIFETKFQVDKVNFHMFDVGAQRDERRKWIQCFNDVTAIIFVVDSSDYNRLQEALND
FKSIWNNRWLRTISVILFLNKQDLLAEKVLAGKSKIEDYFPEFARYTTPEDATPEPGEDPRVTRAKYFIRDEFLRISTAS
GDGRHYCYPHFTCSVDTENARRIFNDCRDIIQRMHLRQYELL
;
A
2 'polypeptide(L)'
;MGSLLQSELDQLRQEAEQLKNQIRDARKACADATLSQITNNIDPVGRIQMRTRRTLRGHLAKIYAMHWGTDSRLLVSASQ
DGKLIIWDSYTTNKVHAIPLRSSWVMTCAYAPSGNYVACGGLDNICSIYNLKTREGNVRVSRELAGHTGYLSCCRFLDDN
QIVTSSGDTTCALWDIETGQQTTTFTGHTGDVMSLSLAPDTRLFVSGACDASAKLWDVREGMCRQTFTGHESDINAICFF
PNGNAFATGSDDATCRLFDLRADQELMTYSHDNIICGITSVSFSKSGRLLLAGYDDFNCNVWDALKADRAGVLAGHDNRV
SCLGVTDDGMAVATGSWDSFLKIWN
;
B
3 'polypeptide(L)'
;MHLCHAITNISHRNSDWSREVQASLYSLMSLIILATLVGNLIVIISISHFKQLHTPTNWLLHSMAIVDFLLGCLIMPCSM
VRTVERCWYFGEILCKVHTSTDIMLSSASIFHLAFISIDRYCAVCDPLRYKAKINISTILVMILVSWSLPAVYAFGMIFL
ELNLKGVEELYRSQVSDLGGCSPFFSKVSGVLAFMTSFYIPGSVMLFVYYRIYFIAKGQARSINRTNVQVGLEGKSQAPQ
SKETKAAKTLGIMVGVFLVCWCPFFLCTVLDPFLGYVIPPSLNDALYWFGYLNSALNPMVYAFFYPWFRRALKMVLLGKI
FQKDSSRSKLFL
;
R
4 'polypeptide(L)'
;MLLVNQSHQGFNKEHTSKMVSAIVLYVLLAAAAHSAFAVQLVESGGGLVQPGGSRKLSCSASGFAFSSFGMHWVRQAPEK
GLEWVAYISSGSGTIYYADTVKGRFTISRDDPKNTLFLQMTSLRSEDTAMYYCVRSIYYYGSSPFDFWGQGTTLTVSAGG
GGSGGGGSGGGGSADIVMTQATSSVPVTPGESVSISCRSSKSLLHSNGNTYLYWFLQRPGQSPQLLIYRMSNLASGVPDR
FSGSGSGTAFTLTISRLEAEDVGVYYCMQHLEYPLTFGAGTKLEL
;
S
5 'polypeptide(L)' MASNNTASIAQARKLVEQLKMEANIDRIKVSKAAADLMAYCEAHAKEDPLLTPVPASENPFREKKFFCAIL Y
#
# COMPACT_ATOMS: atom_id res chain seq x y z
N THR A 5 23.89 -5.04 0.72
CA THR A 5 24.28 -3.63 0.87
C THR A 5 25.69 -3.50 1.40
N LEU A 6 26.68 -3.59 0.51
CA LEU A 6 28.08 -3.46 0.88
C LEU A 6 28.79 -2.40 0.05
N SER A 7 28.06 -1.55 -0.67
CA SER A 7 28.62 -0.46 -1.44
C SER A 7 28.02 0.86 -0.99
N ALA A 8 28.72 1.95 -1.32
CA ALA A 8 28.22 3.27 -0.96
C ALA A 8 26.94 3.61 -1.71
N GLU A 9 26.87 3.24 -2.99
CA GLU A 9 25.68 3.53 -3.77
C GLU A 9 24.47 2.76 -3.24
N ASP A 10 24.68 1.51 -2.82
CA ASP A 10 23.58 0.75 -2.22
C ASP A 10 23.09 1.40 -0.93
N LYS A 11 24.02 1.89 -0.11
CA LYS A 11 23.62 2.58 1.12
C LYS A 11 22.83 3.85 0.81
N ALA A 12 23.24 4.59 -0.20
CA ALA A 12 22.49 5.79 -0.59
C ALA A 12 21.09 5.42 -1.10
N ALA A 13 20.99 4.31 -1.84
CA ALA A 13 19.69 3.85 -2.29
C ALA A 13 18.78 3.48 -1.11
N VAL A 14 19.34 2.80 -0.11
CA VAL A 14 18.57 2.46 1.08
C VAL A 14 18.11 3.74 1.80
N GLU A 15 18.99 4.72 1.85
CA GLU A 15 18.61 5.95 2.45
C GLU A 15 17.51 6.63 1.75
N ARG A 16 17.53 6.68 0.44
CA ARG A 16 16.43 7.25 -0.35
C ARG A 16 15.13 6.50 -0.08
N SER A 17 15.19 5.18 -0.04
CA SER A 17 14.00 4.39 0.28
C SER A 17 13.45 4.75 1.65
N LYS A 18 14.32 4.96 2.62
CA LYS A 18 13.88 5.37 3.96
C LYS A 18 13.20 6.70 3.95
N MET A 19 13.69 7.67 3.21
CA MET A 19 12.95 8.92 3.07
C MET A 19 11.57 8.67 2.47
N ILE A 20 11.49 7.77 1.49
CA ILE A 20 10.20 7.47 0.88
C ILE A 20 9.23 6.90 1.91
N GLU A 21 9.71 6.04 2.79
CA GLU A 21 8.88 5.46 3.83
C GLU A 21 8.48 6.46 4.86
N LYS A 22 9.22 7.52 5.08
CA LYS A 22 8.79 8.55 6.02
C LYS A 22 7.77 9.43 5.41
N GLN A 23 7.86 9.69 4.12
CA GLN A 23 6.78 10.43 3.46
C GLN A 23 5.50 9.61 3.45
N LEU A 24 5.61 8.30 3.22
CA LEU A 24 4.42 7.45 3.22
C LEU A 24 3.77 7.40 4.61
N GLN A 25 4.53 7.50 5.68
CA GLN A 25 3.92 7.54 7.02
C GLN A 25 3.19 8.78 7.28
N LYS A 26 3.73 9.90 6.86
CA LYS A 26 2.90 11.08 7.08
C LYS A 26 1.69 11.01 6.20
N ASP A 27 1.78 10.50 4.98
CA ASP A 27 0.56 10.37 4.19
C ASP A 27 -0.46 9.49 4.89
N LYS A 28 -0.01 8.39 5.50
CA LYS A 28 -0.92 7.50 6.21
C LYS A 28 -1.56 8.19 7.41
N GLN A 29 -0.91 9.02 8.18
CA GLN A 29 -1.65 9.66 9.29
C GLN A 29 -2.54 10.69 8.74
N VAL A 30 -2.11 11.37 7.69
CA VAL A 30 -3.11 12.29 7.15
C VAL A 30 -4.36 11.52 6.72
N TYR A 31 -4.18 10.35 6.11
CA TYR A 31 -5.28 9.59 5.52
C TYR A 31 -6.22 9.04 6.58
N ARG A 32 -5.69 8.53 7.69
CA ARG A 32 -6.53 7.86 8.71
C ARG A 32 -7.57 8.74 9.39
N ALA A 33 -7.46 10.05 9.27
CA ALA A 33 -8.38 10.94 9.96
C ALA A 33 -9.38 11.62 9.03
N THR A 34 -9.82 10.95 7.97
CA THR A 34 -10.75 11.52 7.01
C THR A 34 -11.89 10.54 6.76
N HIS A 35 -13.08 11.08 6.53
CA HIS A 35 -14.28 10.29 6.26
C HIS A 35 -14.74 10.57 4.84
N ARG A 36 -14.96 9.50 4.07
CA ARG A 36 -15.31 9.60 2.66
C ARG A 36 -16.80 9.33 2.47
N LEU A 37 -17.45 10.16 1.66
CA LEU A 37 -18.88 10.05 1.40
C LEU A 37 -19.12 10.01 -0.11
N LEU A 38 -20.19 9.33 -0.50
CA LEU A 38 -20.61 9.23 -1.90
C LEU A 38 -22.00 9.83 -2.05
N LEU A 39 -22.16 10.71 -3.03
CA LEU A 39 -23.42 11.39 -3.28
C LEU A 39 -24.05 10.82 -4.55
N LEU A 40 -25.33 10.44 -4.45
CA LEU A 40 -26.06 9.87 -5.57
C LEU A 40 -27.43 10.55 -5.69
N GLY A 41 -27.88 10.74 -6.92
CA GLY A 41 -29.14 11.40 -7.16
C GLY A 41 -29.43 11.45 -8.64
N ALA A 42 -30.56 12.08 -8.97
CA ALA A 42 -31.02 12.20 -10.34
C ALA A 42 -30.92 13.65 -10.81
N ASP A 43 -31.36 13.91 -12.04
CA ASP A 43 -31.28 15.24 -12.62
C ASP A 43 -32.31 16.23 -12.12
N ASN A 44 -33.51 15.73 -11.84
CA ASN A 44 -34.52 16.60 -11.26
C ASN A 44 -34.24 16.93 -9.81
N SER A 45 -33.64 15.99 -9.07
CA SER A 45 -33.30 16.23 -7.67
C SER A 45 -32.28 17.36 -7.56
N GLY A 46 -32.42 18.16 -6.51
CA GLY A 46 -31.59 19.34 -6.34
C GLY A 46 -30.23 19.04 -5.73
N LYS A 47 -29.62 17.94 -6.16
CA LYS A 47 -28.33 17.53 -5.62
C LYS A 47 -27.27 18.46 -6.05
N SER A 48 -27.52 19.18 -7.11
CA SER A 48 -26.51 20.05 -7.66
C SER A 48 -26.54 21.37 -6.97
N THR A 49 -27.61 21.62 -6.26
CA THR A 49 -27.73 22.86 -5.50
C THR A 49 -27.32 22.70 -4.04
N ILE A 50 -27.46 21.50 -3.48
CA ILE A 50 -26.99 21.25 -2.12
C ILE A 50 -25.48 21.41 -2.05
N VAL A 51 -24.77 20.96 -3.08
CA VAL A 51 -23.32 21.12 -3.11
C VAL A 51 -22.94 22.59 -3.17
N LYS A 52 -23.71 23.38 -3.92
CA LYS A 52 -23.44 24.80 -4.04
C LYS A 52 -23.66 25.48 -2.69
N GLN A 53 -24.79 25.16 -2.06
CA GLN A 53 -25.13 25.75 -0.76
C GLN A 53 -24.10 25.34 0.28
N MET A 54 -23.67 24.08 0.25
CA MET A 54 -22.69 23.59 1.21
C MET A 54 -21.36 24.31 1.01
N ARG A 55 -20.99 24.55 -0.24
CA ARG A 55 -19.75 25.24 -0.55
C ARG A 55 -19.95 26.75 -0.60
N LYS A 181 -16.08 20.52 -21.25
CA LYS A 181 -15.29 19.53 -20.54
C LYS A 181 -16.22 18.43 -20.10
N THR A 182 -15.76 17.19 -20.18
CA THR A 182 -16.58 16.10 -19.67
C THR A 182 -15.79 15.34 -18.62
N SER A 183 -15.80 15.86 -17.40
CA SER A 183 -15.09 15.25 -16.29
C SER A 183 -15.84 14.01 -15.80
N GLY A 184 -15.15 13.20 -15.01
CA GLY A 184 -15.71 11.93 -14.57
C GLY A 184 -16.21 11.92 -13.14
N ILE A 185 -15.62 12.75 -12.28
CA ILE A 185 -15.97 12.78 -10.87
C ILE A 185 -15.63 14.15 -10.32
N PHE A 186 -16.37 14.58 -9.29
CA PHE A 186 -16.17 15.88 -8.66
C PHE A 186 -16.02 15.70 -7.16
N GLU A 187 -15.33 16.65 -6.54
CA GLU A 187 -15.04 16.60 -5.12
C GLU A 187 -15.48 17.89 -4.45
N THR A 188 -15.84 17.77 -3.17
CA THR A 188 -16.24 18.92 -2.37
C THR A 188 -15.90 18.63 -0.92
N LYS A 189 -15.26 19.57 -0.25
CA LYS A 189 -14.79 19.41 1.12
C LYS A 189 -15.51 20.38 2.04
N PHE A 190 -16.07 19.87 3.12
CA PHE A 190 -16.70 20.68 4.15
C PHE A 190 -16.27 20.17 5.51
N GLN A 191 -16.12 21.09 6.46
CA GLN A 191 -15.64 20.77 7.80
C GLN A 191 -16.65 21.20 8.84
N VAL A 192 -16.86 20.35 9.84
CA VAL A 192 -17.72 20.65 10.98
C VAL A 192 -17.10 20.04 12.23
N ASP A 193 -16.96 20.86 13.28
CA ASP A 193 -16.37 20.43 14.55
C ASP A 193 -14.98 19.84 14.36
N LYS A 194 -14.19 20.45 13.48
CA LYS A 194 -12.81 20.03 13.20
C LYS A 194 -12.74 18.59 12.72
N VAL A 195 -13.70 18.19 11.89
CA VAL A 195 -13.71 16.88 11.25
C VAL A 195 -13.86 17.10 9.75
N ASN A 196 -13.06 16.40 8.96
CA ASN A 196 -13.02 16.56 7.51
C ASN A 196 -13.89 15.50 6.85
N PHE A 197 -14.74 15.95 5.92
CA PHE A 197 -15.59 15.06 5.14
C PHE A 197 -15.31 15.27 3.66
N HIS A 198 -15.12 14.18 2.93
CA HIS A 198 -14.88 14.22 1.49
C HIS A 198 -16.08 13.59 0.78
N MET A 199 -16.82 14.42 0.04
CA MET A 199 -17.99 13.97 -0.71
C MET A 199 -17.65 13.91 -2.19
N PHE A 200 -17.87 12.76 -2.80
CA PHE A 200 -17.53 12.51 -4.19
C PHE A 200 -18.80 12.39 -5.00
N ASP A 201 -18.96 13.27 -6.00
CA ASP A 201 -20.11 13.25 -6.89
C ASP A 201 -19.65 12.71 -8.25
N VAL A 202 -20.33 11.68 -8.73
CA VAL A 202 -19.97 11.04 -9.99
C VAL A 202 -20.62 11.83 -11.13
N GLY A 203 -19.78 12.32 -12.05
CA GLY A 203 -20.24 13.22 -13.09
C GLY A 203 -20.65 12.56 -14.38
N ALA A 204 -19.97 12.91 -15.47
CA ALA A 204 -20.36 12.45 -16.81
C ALA A 204 -19.93 11.00 -16.99
N GLN A 205 -20.85 10.08 -16.71
CA GLN A 205 -20.66 8.66 -16.94
C GLN A 205 -21.85 8.12 -17.71
N ARG A 206 -21.85 6.81 -17.94
CA ARG A 206 -22.93 6.16 -18.67
C ARG A 206 -24.10 5.88 -17.74
N ASP A 207 -25.07 5.11 -18.21
CA ASP A 207 -26.24 4.75 -17.43
C ASP A 207 -26.04 3.48 -16.60
N GLU A 208 -24.90 2.82 -16.75
CA GLU A 208 -24.59 1.61 -15.99
C GLU A 208 -23.75 1.99 -14.77
N ARG A 209 -24.10 1.41 -13.63
CA ARG A 209 -23.47 1.74 -12.35
C ARG A 209 -22.81 0.56 -11.67
N ARG A 210 -23.24 -0.66 -11.97
CA ARG A 210 -22.79 -1.83 -11.20
C ARG A 210 -21.30 -2.10 -11.37
N LYS A 211 -20.65 -1.51 -12.36
CA LYS A 211 -19.24 -1.83 -12.61
C LYS A 211 -18.29 -0.96 -11.82
N TRP A 212 -18.53 0.35 -11.74
CA TRP A 212 -17.65 1.25 -11.01
C TRP A 212 -18.08 1.45 -9.56
N ILE A 213 -19.17 0.82 -9.13
CA ILE A 213 -19.62 0.93 -7.74
C ILE A 213 -18.80 0.06 -6.79
N GLN A 214 -17.95 -0.83 -7.32
CA GLN A 214 -17.13 -1.68 -6.47
C GLN A 214 -16.02 -0.92 -5.76
N CYS A 215 -15.68 0.28 -6.23
CA CYS A 215 -14.60 1.06 -5.66
C CYS A 215 -15.04 1.90 -4.46
N PHE A 216 -16.32 1.85 -4.08
CA PHE A 216 -16.84 2.67 -3.01
C PHE A 216 -17.37 1.82 -1.85
N ASN A 217 -16.83 0.62 -1.67
CA ASN A 217 -17.26 -0.24 -0.58
C ASN A 217 -16.56 0.07 0.73
N ASP A 218 -15.89 1.23 0.82
CA ASP A 218 -15.16 1.62 2.02
C ASP A 218 -15.56 3.00 2.53
N VAL A 219 -16.67 3.56 2.06
CA VAL A 219 -17.10 4.88 2.48
C VAL A 219 -17.87 4.78 3.79
N THR A 220 -18.01 5.92 4.47
CA THR A 220 -18.77 5.96 5.71
C THR A 220 -20.26 5.84 5.46
N ALA A 221 -20.78 6.59 4.50
CA ALA A 221 -22.21 6.62 4.24
C ALA A 221 -22.47 7.08 2.82
N ILE A 222 -23.70 6.86 2.36
CA ILE A 222 -24.17 7.28 1.05
C ILE A 222 -25.31 8.26 1.26
N ILE A 223 -25.23 9.42 0.61
CA ILE A 223 -26.28 10.43 0.66
C ILE A 223 -27.15 10.27 -0.58
N PHE A 224 -28.42 9.99 -0.38
CA PHE A 224 -29.39 9.80 -1.47
C PHE A 224 -30.37 10.96 -1.45
N VAL A 225 -30.48 11.66 -2.58
CA VAL A 225 -31.33 12.85 -2.70
C VAL A 225 -32.49 12.50 -3.63
N VAL A 226 -33.72 12.77 -3.17
CA VAL A 226 -34.93 12.46 -3.90
C VAL A 226 -35.75 13.72 -4.05
N ASP A 227 -36.23 13.98 -5.26
CA ASP A 227 -37.16 15.09 -5.52
C ASP A 227 -38.58 14.51 -5.55
N SER A 228 -39.18 14.39 -4.37
CA SER A 228 -40.50 13.79 -4.23
C SER A 228 -41.60 14.83 -4.33
N SER A 229 -41.56 15.66 -5.37
CA SER A 229 -42.58 16.66 -5.64
C SER A 229 -42.91 16.70 -7.13
N ASP A 230 -43.03 15.54 -7.76
CA ASP A 230 -43.25 15.47 -9.20
C ASP A 230 -44.48 14.65 -9.56
N TYR A 231 -44.80 13.66 -8.72
CA TYR A 231 -45.94 12.76 -8.89
C TYR A 231 -45.74 11.79 -10.05
N ASN A 232 -44.65 11.95 -10.79
CA ASN A 232 -44.35 11.10 -11.95
C ASN A 232 -43.04 10.36 -11.80
N ARG A 233 -42.06 11.12 -11.40
CA ARG A 233 -40.72 10.68 -11.21
C ARG A 233 -40.52 10.24 -9.78
N LEU A 234 -41.24 9.24 -9.38
CA LEU A 234 -41.08 8.67 -8.05
C LEU A 234 -40.84 7.18 -8.07
N GLN A 235 -41.54 6.46 -8.96
CA GLN A 235 -41.35 5.01 -9.04
C GLN A 235 -39.93 4.67 -9.49
N GLU A 236 -39.40 5.40 -10.46
CA GLU A 236 -38.04 5.14 -10.91
C GLU A 236 -37.04 5.40 -9.78
N ALA A 237 -37.28 6.43 -8.97
CA ALA A 237 -36.44 6.63 -7.79
C ALA A 237 -36.57 5.49 -6.81
N LEU A 238 -37.78 4.92 -6.68
CA LEU A 238 -37.96 3.77 -5.80
C LEU A 238 -37.14 2.57 -6.27
N ASN A 239 -37.17 2.26 -7.57
CA ASN A 239 -36.32 1.16 -8.06
C ASN A 239 -34.84 1.51 -7.96
N ASP A 240 -34.51 2.78 -8.03
CA ASP A 240 -33.13 3.15 -7.87
C ASP A 240 -32.71 2.78 -6.48
N PHE A 241 -33.47 3.26 -5.50
CA PHE A 241 -33.17 2.97 -4.10
C PHE A 241 -33.11 1.47 -3.85
N LYS A 242 -34.01 0.70 -4.46
CA LYS A 242 -33.99 -0.74 -4.31
C LYS A 242 -32.69 -1.33 -4.85
N SER A 243 -32.25 -0.87 -6.03
CA SER A 243 -31.02 -1.38 -6.62
C SER A 243 -29.81 -1.04 -5.77
N ILE A 244 -29.76 0.19 -5.24
CA ILE A 244 -28.61 0.59 -4.45
C ILE A 244 -28.57 -0.14 -3.11
N TRP A 245 -29.72 -0.27 -2.45
CA TRP A 245 -29.75 -0.86 -1.12
C TRP A 245 -29.40 -2.34 -1.15
N ASN A 246 -29.81 -3.06 -2.20
CA ASN A 246 -29.64 -4.50 -2.27
C ASN A 246 -28.36 -4.92 -2.98
N ASN A 247 -27.48 -3.97 -3.31
CA ASN A 247 -26.24 -4.30 -4.01
C ASN A 247 -25.35 -5.18 -3.15
N ARG A 248 -24.59 -6.04 -3.79
CA ARG A 248 -23.72 -6.94 -3.07
C ARG A 248 -22.54 -6.23 -2.51
N TRP A 249 -21.95 -5.37 -3.31
CA TRP A 249 -20.76 -4.65 -2.88
C TRP A 249 -21.07 -3.49 -1.93
N LEU A 250 -22.35 -3.19 -1.71
CA LEU A 250 -22.75 -2.07 -0.87
C LEU A 250 -23.25 -2.52 0.50
N ARG A 251 -22.85 -3.69 0.94
CA ARG A 251 -23.23 -4.08 2.28
C ARG A 251 -22.38 -3.37 3.29
N THR A 252 -22.82 -3.32 4.51
CA THR A 252 -22.18 -2.66 5.64
C THR A 252 -22.22 -1.14 5.47
N ILE A 253 -22.69 -0.63 4.34
CA ILE A 253 -22.73 0.80 4.07
C ILE A 253 -24.15 1.30 4.35
N SER A 254 -24.26 2.24 5.29
CA SER A 254 -25.55 2.84 5.63
C SER A 254 -25.82 4.03 4.72
N VAL A 255 -27.11 4.32 4.52
CA VAL A 255 -27.55 5.34 3.57
C VAL A 255 -28.31 6.42 4.33
N ILE A 256 -28.03 7.67 3.97
CA ILE A 256 -28.73 8.83 4.52
C ILE A 256 -29.67 9.35 3.44
N LEU A 257 -30.97 9.36 3.75
CA LEU A 257 -31.99 9.72 2.77
C LEU A 257 -32.35 11.19 2.92
N PHE A 258 -32.29 11.92 1.82
CA PHE A 258 -32.67 13.33 1.77
C PHE A 258 -33.90 13.49 0.88
N LEU A 259 -34.95 14.09 1.43
CA LEU A 259 -36.16 14.41 0.66
C LEU A 259 -36.15 15.91 0.39
N ASN A 260 -35.94 16.28 -0.86
CA ASN A 260 -35.68 17.65 -1.25
C ASN A 260 -36.92 18.32 -1.83
N LYS A 261 -36.88 19.65 -1.87
CA LYS A 261 -37.92 20.48 -2.47
C LYS A 261 -39.30 20.17 -1.87
N GLN A 262 -39.36 20.29 -0.54
CA GLN A 262 -40.62 20.03 0.17
C GLN A 262 -41.60 21.18 0.03
N ASP A 263 -41.11 22.42 -0.14
CA ASP A 263 -42.00 23.55 -0.30
C ASP A 263 -42.80 23.46 -1.59
N LEU A 264 -42.19 22.92 -2.66
CA LEU A 264 -42.91 22.71 -3.90
C LEU A 264 -44.04 21.71 -3.70
N LEU A 265 -43.81 20.66 -2.90
CA LEU A 265 -44.87 19.72 -2.58
C LEU A 265 -46.02 20.43 -1.88
N ALA A 266 -45.71 21.30 -0.92
CA ALA A 266 -46.75 22.03 -0.21
C ALA A 266 -47.53 22.93 -1.16
N GLU A 267 -46.84 23.58 -2.09
CA GLU A 267 -47.51 24.43 -3.07
C GLU A 267 -48.30 23.61 -4.09
N LYS A 268 -48.01 22.31 -4.23
CA LYS A 268 -48.71 21.49 -5.21
C LYS A 268 -49.88 20.72 -4.63
N VAL A 269 -50.10 20.75 -3.32
CA VAL A 269 -51.14 19.91 -2.72
C VAL A 269 -52.32 20.74 -2.23
N LEU A 270 -52.09 22.01 -1.87
CA LEU A 270 -53.17 22.80 -1.30
C LEU A 270 -54.19 23.17 -2.37
N ALA A 271 -53.74 23.38 -3.61
CA ALA A 271 -54.67 23.72 -4.69
C ALA A 271 -55.52 22.52 -5.09
N GLY A 272 -54.91 21.35 -5.19
CA GLY A 272 -55.63 20.14 -5.56
C GLY A 272 -56.05 20.12 -7.02
N SER A 274 -53.87 17.61 -9.89
CA SER A 274 -52.64 16.91 -9.52
C SER A 274 -52.75 16.29 -8.13
N LYS A 275 -53.17 15.03 -8.09
CA LYS A 275 -53.34 14.29 -6.85
C LYS A 275 -52.30 13.17 -6.78
N ILE A 276 -52.41 12.36 -5.73
CA ILE A 276 -51.52 11.22 -5.54
C ILE A 276 -52.24 9.89 -5.70
N GLU A 277 -53.54 9.82 -5.42
CA GLU A 277 -54.27 8.57 -5.53
C GLU A 277 -54.31 8.06 -6.98
N ASP A 278 -54.29 8.97 -7.95
CA ASP A 278 -54.28 8.56 -9.35
C ASP A 278 -52.98 7.86 -9.73
N TYR A 279 -51.89 8.11 -9.00
CA TYR A 279 -50.63 7.40 -9.20
C TYR A 279 -50.44 6.27 -8.20
N PHE A 280 -50.75 6.51 -6.93
CA PHE A 280 -50.66 5.49 -5.89
C PHE A 280 -52.05 5.23 -5.33
N PRO A 281 -52.74 4.17 -5.76
CA PRO A 281 -54.12 3.94 -5.31
C PRO A 281 -54.25 3.68 -3.81
N GLU A 282 -53.16 3.36 -3.13
CA GLU A 282 -53.31 3.07 -1.73
C GLU A 282 -53.13 4.28 -0.85
N PHE A 283 -52.90 5.44 -1.45
CA PHE A 283 -52.83 6.67 -0.67
C PHE A 283 -54.16 6.99 0.00
N ALA A 284 -55.28 6.59 -0.61
CA ALA A 284 -56.59 6.84 -0.02
C ALA A 284 -56.86 6.00 1.22
N ARG A 285 -56.02 5.01 1.50
CA ARG A 285 -56.16 4.15 2.67
C ARG A 285 -54.97 4.33 3.63
N TYR A 286 -54.46 5.55 3.71
CA TYR A 286 -53.32 5.88 4.56
C TYR A 286 -53.71 6.93 5.57
N THR A 287 -53.46 6.68 6.84
CA THR A 287 -53.71 7.73 7.84
C THR A 287 -52.38 8.17 8.40
N THR A 288 -52.35 9.39 8.93
CA THR A 288 -51.14 9.92 9.49
C THR A 288 -50.72 8.92 10.55
N PRO A 289 -49.43 8.54 10.63
CA PRO A 289 -49.07 7.50 11.59
C PRO A 289 -49.26 8.06 12.95
N GLU A 290 -49.29 7.28 14.03
CA GLU A 290 -49.59 7.84 15.36
C GLU A 290 -48.62 8.86 15.97
N ASP A 291 -47.31 8.72 15.75
CA ASP A 291 -46.32 9.61 16.39
C ASP A 291 -45.66 10.71 15.58
N ALA A 292 -46.31 11.18 14.55
CA ALA A 292 -45.73 12.20 13.69
C ALA A 292 -45.64 13.54 14.34
N THR A 293 -44.66 14.33 13.95
CA THR A 293 -44.57 15.66 14.47
C THR A 293 -44.74 16.60 13.33
N PRO A 294 -45.78 17.40 13.37
CA PRO A 294 -45.97 18.41 12.34
C PRO A 294 -45.17 19.65 12.59
N GLU A 295 -45.08 20.51 11.60
CA GLU A 295 -44.41 21.79 11.80
C GLU A 295 -45.32 22.66 12.63
N PRO A 296 -44.78 23.71 13.20
CA PRO A 296 -45.70 24.58 13.92
C PRO A 296 -46.80 25.23 13.06
N GLY A 297 -46.47 25.75 11.88
CA GLY A 297 -47.45 26.41 11.02
C GLY A 297 -48.08 25.46 10.03
N GLU A 298 -48.09 24.18 10.35
CA GLU A 298 -48.63 23.17 9.47
C GLU A 298 -50.09 23.19 9.18
N ASP A 299 -50.40 22.88 7.93
CA ASP A 299 -51.77 22.75 7.56
C ASP A 299 -52.01 21.25 7.71
N PRO A 300 -53.20 20.83 8.15
CA PRO A 300 -53.34 19.41 8.42
C PRO A 300 -53.08 18.55 7.24
N ARG A 301 -53.51 18.96 6.08
CA ARG A 301 -53.39 18.08 4.95
C ARG A 301 -51.99 17.68 4.53
N VAL A 302 -51.07 18.64 4.46
CA VAL A 302 -49.75 18.38 3.94
C VAL A 302 -49.12 17.22 4.61
N THR A 303 -49.31 17.11 5.89
CA THR A 303 -48.63 16.07 6.60
C THR A 303 -48.92 14.68 6.11
N ARG A 304 -50.16 14.37 5.75
CA ARG A 304 -50.46 13.00 5.39
C ARG A 304 -49.64 12.51 4.24
N ALA A 305 -49.41 13.34 3.26
CA ALA A 305 -48.68 13.01 2.03
C ALA A 305 -47.18 12.87 2.29
N LYS A 306 -46.63 13.77 3.11
CA LYS A 306 -45.20 13.71 3.42
C LYS A 306 -44.83 12.40 4.08
N TYR A 307 -45.60 11.99 5.09
CA TYR A 307 -45.29 10.75 5.79
C TYR A 307 -45.64 9.53 4.95
N PHE A 308 -46.61 9.65 4.03
CA PHE A 308 -46.87 8.56 3.10
C PHE A 308 -45.65 8.31 2.21
N ILE A 309 -45.05 9.39 1.69
CA ILE A 309 -43.85 9.24 0.87
C ILE A 309 -42.71 8.69 1.71
N ARG A 310 -42.56 9.19 2.94
CA ARG A 310 -41.50 8.71 3.81
C ARG A 310 -41.63 7.22 4.10
N ASP A 311 -42.84 6.74 4.22
CA ASP A 311 -42.97 5.35 4.53
C ASP A 311 -42.67 4.60 3.30
N GLU A 312 -43.28 5.06 2.22
CA GLU A 312 -43.03 4.37 0.96
C GLU A 312 -41.55 4.12 0.75
N PHE A 313 -40.71 5.11 1.09
CA PHE A 313 -39.27 4.92 0.97
C PHE A 313 -38.73 3.99 2.05
N LEU A 314 -39.27 4.08 3.27
CA LEU A 314 -38.75 3.30 4.40
C LEU A 314 -39.16 1.84 4.34
N ARG A 315 -40.12 1.47 3.53
CA ARG A 315 -40.53 0.09 3.49
C ARG A 315 -39.48 -0.75 2.84
N ILE A 316 -38.73 -0.15 1.95
CA ILE A 316 -37.73 -0.91 1.19
C ILE A 316 -36.61 -1.39 2.10
N SER A 317 -36.13 -0.51 2.99
CA SER A 317 -34.96 -0.84 3.81
C SER A 317 -35.28 -1.93 4.83
N THR A 318 -36.48 -1.89 5.42
CA THR A 318 -36.81 -2.81 6.51
C THR A 318 -36.98 -4.25 6.05
N ALA A 319 -37.06 -4.51 4.75
CA ALA A 319 -37.28 -5.87 4.26
C ALA A 319 -36.00 -6.68 4.16
N SER A 320 -34.83 -6.08 4.39
CA SER A 320 -33.57 -6.79 4.28
C SER A 320 -32.51 -6.04 5.08
N GLY A 321 -31.27 -6.54 5.01
CA GLY A 321 -30.13 -5.94 5.67
C GLY A 321 -29.65 -6.71 6.89
N ASP A 322 -30.56 -7.45 7.54
CA ASP A 322 -30.29 -8.26 8.73
C ASP A 322 -29.33 -7.56 9.70
N GLY A 323 -29.62 -6.30 9.98
CA GLY A 323 -28.92 -5.55 11.01
C GLY A 323 -27.45 -5.29 10.78
N ARG A 324 -27.11 -4.75 9.63
CA ARG A 324 -25.74 -4.37 9.37
C ARG A 324 -25.65 -2.93 8.88
N HIS A 325 -26.72 -2.36 8.34
CA HIS A 325 -26.74 -0.95 7.95
C HIS A 325 -28.17 -0.42 8.09
N TYR A 326 -28.27 0.90 8.21
CA TYR A 326 -29.54 1.55 8.55
C TYR A 326 -29.83 2.66 7.55
N CYS A 327 -31.00 3.27 7.68
CA CYS A 327 -31.42 4.39 6.86
C CYS A 327 -31.81 5.57 7.75
N TYR A 328 -31.51 6.78 7.30
CA TYR A 328 -31.75 8.00 8.06
C TYR A 328 -32.47 9.01 7.18
N PRO A 329 -33.80 8.95 7.14
CA PRO A 329 -34.56 9.88 6.29
C PRO A 329 -34.59 11.29 6.87
N HIS A 330 -34.96 12.25 6.02
CA HIS A 330 -35.01 13.65 6.41
C HIS A 330 -36.04 14.37 5.54
N PHE A 331 -36.30 15.63 5.88
CA PHE A 331 -37.20 16.50 5.13
C PHE A 331 -36.43 17.79 4.82
N THR A 332 -35.77 17.83 3.68
CA THR A 332 -34.89 18.92 3.31
C THR A 332 -35.59 19.87 2.36
N CYS A 333 -35.34 21.16 2.54
CA CYS A 333 -35.86 22.21 1.67
C CYS A 333 -34.72 22.86 0.91
N SER A 334 -35.09 23.68 -0.08
CA SER A 334 -34.08 24.34 -0.90
C SER A 334 -33.23 25.31 -0.08
N VAL A 335 -33.87 26.07 0.81
CA VAL A 335 -33.17 27.03 1.66
C VAL A 335 -33.01 26.39 3.03
N ASP A 336 -31.91 25.66 3.22
CA ASP A 336 -31.56 25.07 4.49
C ASP A 336 -30.10 25.33 4.80
N THR A 337 -29.77 25.40 6.09
CA THR A 337 -28.40 25.56 6.54
C THR A 337 -28.18 24.63 7.74
N GLU A 338 -28.52 23.36 7.53
CA GLU A 338 -28.35 22.40 8.59
C GLU A 338 -27.97 21.03 8.09
N ASN A 339 -27.90 20.83 6.79
CA ASN A 339 -27.64 19.50 6.23
C ASN A 339 -26.30 18.96 6.71
N ALA A 340 -25.30 19.82 6.86
CA ALA A 340 -23.99 19.37 7.34
C ALA A 340 -24.08 18.82 8.75
N ARG A 341 -24.84 19.48 9.62
CA ARG A 341 -25.01 18.98 10.99
C ARG A 341 -25.74 17.64 10.99
N ARG A 342 -26.75 17.48 10.13
CA ARG A 342 -27.47 16.22 10.05
C ARG A 342 -26.55 15.09 9.58
N ILE A 343 -25.71 15.37 8.58
CA ILE A 343 -24.75 14.39 8.11
C ILE A 343 -23.77 14.02 9.23
N PHE A 344 -23.31 15.02 9.97
CA PHE A 344 -22.39 14.78 11.08
C PHE A 344 -23.03 13.86 12.12
N ASN A 345 -24.28 14.15 12.49
CA ASN A 345 -24.96 13.34 13.51
C ASN A 345 -25.18 11.91 13.02
N ASP A 346 -25.62 11.75 11.77
CA ASP A 346 -25.85 10.42 11.23
C ASP A 346 -24.56 9.62 11.15
N CYS A 347 -23.47 10.28 10.76
CA CYS A 347 -22.18 9.59 10.69
C CYS A 347 -21.75 9.18 12.10
N ARG A 348 -21.88 10.09 13.05
CA ARG A 348 -21.51 9.81 14.43
C ARG A 348 -22.26 8.58 14.94
N ASP A 349 -23.55 8.51 14.65
CA ASP A 349 -24.36 7.38 15.08
C ASP A 349 -23.93 6.09 14.39
N ILE A 350 -23.63 6.17 13.08
CA ILE A 350 -23.23 4.99 12.32
C ILE A 350 -21.93 4.42 12.88
N ILE A 351 -20.94 5.28 13.11
CA ILE A 351 -19.64 4.79 13.59
C ILE A 351 -19.75 4.26 15.01
N GLN A 352 -20.57 4.91 15.85
CA GLN A 352 -20.77 4.42 17.20
C GLN A 352 -21.42 3.03 17.19
N ARG A 353 -22.43 2.83 16.34
CA ARG A 353 -23.04 1.52 16.23
C ARG A 353 -22.05 0.48 15.72
N MET A 354 -21.22 0.86 14.75
CA MET A 354 -20.22 -0.08 14.23
C MET A 354 -19.24 -0.50 15.31
N HIS A 355 -18.76 0.46 16.11
CA HIS A 355 -17.83 0.13 17.19
C HIS A 355 -18.49 -0.74 18.24
N LEU A 356 -19.73 -0.42 18.62
CA LEU A 356 -20.44 -1.22 19.62
C LEU A 356 -20.63 -2.65 19.13
N ARG A 357 -20.82 -2.88 17.86
CA ARG A 357 -20.99 -4.26 17.43
C ARG A 357 -19.68 -4.92 17.45
N GLN A 358 -18.63 -4.20 17.12
CA GLN A 358 -17.36 -4.83 17.05
C GLN A 358 -16.87 -5.31 18.40
N TYR A 359 -17.21 -4.59 19.46
CA TYR A 359 -16.78 -5.00 20.79
C TYR A 359 -17.79 -5.86 21.53
N GLU A 360 -18.59 -6.63 20.83
CA GLU A 360 -19.61 -7.45 21.45
C GLU A 360 -20.47 -6.77 22.43
N LEU A 361 -20.85 -5.55 22.16
CA LEU A 361 -21.79 -4.83 23.01
C LEU A 361 -23.17 -4.67 22.39
N LEU A 362 -23.33 -5.02 21.13
CA LEU A 362 -24.63 -4.96 20.47
C LEU A 362 -25.10 -6.36 20.05
N ARG B 13 -33.03 -7.86 -40.99
CA ARG B 13 -32.73 -8.54 -39.74
C ARG B 13 -32.72 -10.05 -39.94
N GLN B 14 -33.66 -10.56 -40.73
CA GLN B 14 -33.75 -11.98 -41.00
C GLN B 14 -32.50 -12.45 -41.74
N GLU B 15 -32.04 -11.64 -42.69
CA GLU B 15 -30.85 -11.96 -43.47
C GLU B 15 -29.63 -12.03 -42.55
N ALA B 16 -29.55 -11.09 -41.60
CA ALA B 16 -28.45 -11.06 -40.66
C ALA B 16 -28.34 -12.39 -39.94
N GLU B 17 -29.45 -12.85 -39.37
CA GLU B 17 -29.47 -14.13 -38.68
C GLU B 17 -29.02 -15.26 -39.60
N GLN B 18 -29.38 -15.16 -40.86
CA GLN B 18 -28.92 -16.15 -41.80
C GLN B 18 -27.44 -16.14 -41.80
N LEU B 19 -26.90 -14.97 -42.08
CA LEU B 19 -25.45 -14.87 -42.19
C LEU B 19 -24.82 -15.49 -40.96
N LYS B 20 -25.28 -15.04 -39.82
CA LYS B 20 -24.71 -15.55 -38.57
C LYS B 20 -24.75 -17.07 -38.54
N ASN B 21 -25.86 -17.66 -39.01
CA ASN B 21 -25.94 -19.12 -39.09
C ASN B 21 -24.92 -19.68 -40.07
N GLN B 22 -24.70 -18.99 -41.19
CA GLN B 22 -23.66 -19.41 -42.14
C GLN B 22 -22.29 -19.39 -41.49
N ILE B 23 -21.99 -18.33 -40.74
CA ILE B 23 -20.70 -18.23 -40.06
C ILE B 23 -20.54 -19.33 -39.03
N ARG B 24 -21.60 -19.62 -38.30
CA ARG B 24 -21.54 -20.65 -37.29
C ARG B 24 -21.25 -21.93 -37.98
N ASP B 25 -22.04 -22.25 -38.99
CA ASP B 25 -21.88 -23.51 -39.69
C ASP B 25 -20.46 -23.68 -40.22
N ALA B 26 -19.88 -22.60 -40.75
CA ALA B 26 -18.50 -22.66 -41.22
C ALA B 26 -17.55 -22.95 -40.07
N ARG B 27 -17.80 -22.36 -38.91
CA ARG B 27 -16.97 -22.65 -37.74
C ARG B 27 -17.17 -24.08 -37.25
N LYS B 28 -18.41 -24.54 -37.32
CA LYS B 28 -18.73 -25.87 -36.84
C LYS B 28 -18.03 -26.92 -37.67
N ALA B 29 -18.11 -26.78 -38.98
CA ALA B 29 -17.54 -27.79 -39.86
C ALA B 29 -16.03 -27.60 -39.98
N CYS B 30 -15.36 -27.47 -38.84
CA CYS B 30 -13.90 -27.44 -38.79
C CYS B 30 -13.31 -28.21 -37.61
N ALA B 31 -14.07 -28.46 -36.55
CA ALA B 31 -13.53 -29.07 -35.32
C ALA B 31 -13.44 -30.58 -35.51
N ASP B 32 -12.33 -31.01 -36.13
CA ASP B 32 -12.09 -32.44 -36.28
C ASP B 32 -11.65 -33.07 -34.96
N ALA B 33 -10.85 -32.36 -34.18
CA ALA B 33 -10.35 -32.89 -32.91
C ALA B 33 -10.06 -31.74 -31.96
N THR B 34 -10.52 -31.89 -30.71
CA THR B 34 -10.21 -30.92 -29.67
C THR B 34 -8.76 -31.07 -29.22
N LEU B 35 -8.31 -30.14 -28.38
CA LEU B 35 -6.92 -30.17 -27.91
C LEU B 35 -6.64 -31.42 -27.11
N SER B 36 -7.61 -31.88 -26.31
CA SER B 36 -7.38 -33.00 -25.41
C SER B 36 -6.99 -34.27 -26.17
N GLN B 37 -7.61 -34.52 -27.32
CA GLN B 37 -7.32 -35.75 -28.06
C GLN B 37 -5.85 -35.81 -28.48
N ILE B 38 -5.32 -34.69 -28.98
CA ILE B 38 -3.91 -34.65 -29.38
C ILE B 38 -3.01 -34.66 -28.15
N THR B 39 -3.36 -33.91 -27.11
CA THR B 39 -2.46 -33.64 -26.01
C THR B 39 -2.47 -34.72 -24.93
N ASN B 40 -3.39 -35.68 -25.03
CA ASN B 40 -3.49 -36.75 -24.04
C ASN B 40 -2.33 -37.74 -24.04
N ASN B 41 -1.34 -37.51 -24.89
CA ASN B 41 -0.16 -38.38 -24.97
C ASN B 41 1.13 -37.61 -24.67
N ILE B 42 1.09 -36.71 -23.71
CA ILE B 42 2.27 -35.97 -23.25
C ILE B 42 2.30 -36.01 -21.73
N ASP B 43 3.47 -36.30 -21.18
CA ASP B 43 3.62 -36.31 -19.73
C ASP B 43 3.42 -34.91 -19.17
N PRO B 44 2.68 -34.78 -18.06
CA PRO B 44 2.42 -33.45 -17.50
C PRO B 44 3.62 -32.93 -16.70
N VAL B 45 3.57 -31.64 -16.39
CA VAL B 45 4.58 -31.04 -15.53
C VAL B 45 4.50 -31.59 -14.12
N GLY B 46 3.32 -32.04 -13.70
CA GLY B 46 3.15 -32.63 -12.38
C GLY B 46 2.86 -31.61 -11.30
N ARG B 47 3.77 -31.50 -10.33
CA ARG B 47 3.62 -30.58 -9.21
C ARG B 47 4.69 -29.51 -9.27
N ILE B 48 4.28 -28.27 -9.02
CA ILE B 48 5.19 -27.12 -9.02
C ILE B 48 5.09 -26.42 -7.68
N GLN B 49 6.24 -26.20 -7.05
CA GLN B 49 6.27 -25.51 -5.77
C GLN B 49 6.84 -24.13 -5.89
N MET B 50 6.04 -23.16 -5.60
CA MET B 50 6.43 -21.76 -5.68
C MET B 50 6.34 -21.14 -4.29
N ARG B 51 7.41 -20.49 -3.86
CA ARG B 51 7.50 -19.91 -2.54
C ARG B 51 7.65 -18.40 -2.64
N THR B 52 7.11 -17.69 -1.65
CA THR B 52 7.23 -16.25 -1.59
C THR B 52 8.68 -15.87 -1.27
N ARG B 53 9.28 -15.05 -2.13
CA ARG B 53 10.66 -14.63 -1.95
C ARG B 53 10.80 -13.18 -1.53
N ARG B 54 9.82 -12.34 -1.80
CA ARG B 54 9.85 -10.93 -1.42
C ARG B 54 8.45 -10.51 -0.97
N THR B 55 8.40 -9.41 -0.24
CA THR B 55 7.13 -8.81 0.17
C THR B 55 7.30 -7.31 0.18
N LEU B 56 6.54 -6.62 -0.67
CA LEU B 56 6.65 -5.18 -0.83
C LEU B 56 5.51 -4.50 -0.07
N ARG B 57 5.87 -3.57 0.82
CA ARG B 57 4.91 -2.91 1.70
C ARG B 57 5.06 -1.40 1.59
N GLY B 58 3.96 -0.69 1.80
CA GLY B 58 3.98 0.77 1.73
C GLY B 58 2.73 1.40 1.16
N HIS B 59 1.87 0.60 0.52
CA HIS B 59 0.62 1.12 -0.02
C HIS B 59 -0.44 1.21 1.07
N LEU B 60 -1.23 2.28 1.03
CA LEU B 60 -2.26 2.49 2.03
C LEU B 60 -3.54 1.72 1.70
N ALA B 61 -4.16 2.04 0.58
CA ALA B 61 -5.42 1.45 0.18
C ALA B 61 -5.19 0.21 -0.67
N LYS B 62 -6.25 -0.29 -1.30
CA LYS B 62 -6.16 -1.49 -2.12
C LYS B 62 -5.36 -1.23 -3.38
N ILE B 63 -4.74 -2.29 -3.91
CA ILE B 63 -3.93 -2.21 -5.12
C ILE B 63 -4.79 -2.65 -6.30
N TYR B 64 -4.77 -1.85 -7.37
CA TYR B 64 -5.62 -2.12 -8.54
C TYR B 64 -4.86 -2.62 -9.75
N ALA B 65 -3.61 -2.20 -9.96
CA ALA B 65 -2.89 -2.60 -11.17
C ALA B 65 -1.40 -2.66 -10.90
N MET B 66 -0.70 -3.43 -11.75
CA MET B 66 0.75 -3.46 -11.76
C MET B 66 1.23 -3.81 -13.16
N HIS B 67 2.50 -3.53 -13.43
CA HIS B 67 3.09 -3.83 -14.73
C HIS B 67 4.59 -4.00 -14.58
N TRP B 68 5.12 -5.10 -15.10
CA TRP B 68 6.55 -5.35 -15.10
C TRP B 68 7.25 -4.51 -16.16
N GLY B 69 8.52 -4.24 -15.92
CA GLY B 69 9.37 -3.57 -16.89
C GLY B 69 10.17 -4.56 -17.71
N THR B 70 10.55 -4.15 -18.93
CA THR B 70 11.34 -5.01 -19.78
C THR B 70 12.73 -5.28 -19.21
N ASP B 71 13.18 -4.45 -18.27
CA ASP B 71 14.46 -4.68 -17.61
C ASP B 71 14.44 -5.94 -16.75
N SER B 72 13.25 -6.50 -16.48
CA SER B 72 13.03 -7.68 -15.64
C SER B 72 13.34 -7.42 -14.18
N ARG B 73 13.55 -6.17 -13.78
CA ARG B 73 13.92 -5.82 -12.41
C ARG B 73 12.99 -4.83 -11.77
N LEU B 74 12.48 -3.86 -12.52
CA LEU B 74 11.62 -2.81 -11.99
C LEU B 74 10.15 -3.10 -12.28
N LEU B 75 9.28 -2.53 -11.46
CA LEU B 75 7.83 -2.68 -11.63
C LEU B 75 7.14 -1.48 -11.00
N VAL B 76 5.91 -1.24 -11.44
CA VAL B 76 5.10 -0.10 -11.01
C VAL B 76 3.75 -0.62 -10.52
N SER B 77 3.22 0.02 -9.48
CA SER B 77 1.94 -0.37 -8.89
C SER B 77 1.10 0.87 -8.60
N ALA B 78 -0.22 0.69 -8.57
CA ALA B 78 -1.17 1.78 -8.36
C ALA B 78 -2.17 1.39 -7.27
N SER B 79 -2.49 2.33 -6.39
CA SER B 79 -3.41 2.07 -5.29
C SER B 79 -4.46 3.18 -5.24
N GLN B 80 -5.55 2.90 -4.51
CA GLN B 80 -6.70 3.79 -4.47
C GLN B 80 -6.51 5.01 -3.59
N ASP B 81 -5.40 5.11 -2.85
CA ASP B 81 -5.13 6.36 -2.13
C ASP B 81 -4.55 7.43 -3.04
N GLY B 82 -4.33 7.14 -4.31
CA GLY B 82 -3.77 8.11 -5.24
C GLY B 82 -2.26 8.13 -5.23
N LYS B 83 -1.64 6.96 -5.40
CA LYS B 83 -0.20 6.83 -5.33
C LYS B 83 0.30 5.88 -6.40
N LEU B 84 1.42 6.24 -7.02
CA LEU B 84 2.19 5.35 -7.87
C LEU B 84 3.55 5.11 -7.23
N ILE B 85 3.96 3.85 -7.17
CA ILE B 85 5.23 3.46 -6.56
C ILE B 85 5.99 2.59 -7.55
N ILE B 86 7.28 2.87 -7.72
CA ILE B 86 8.17 2.06 -8.55
C ILE B 86 9.15 1.37 -7.62
N TRP B 87 9.18 0.05 -7.67
CA TRP B 87 10.00 -0.76 -6.77
C TRP B 87 11.23 -1.30 -7.49
N ASP B 88 12.18 -1.76 -6.69
CA ASP B 88 13.32 -2.57 -7.14
C ASP B 88 13.13 -3.95 -6.56
N SER B 89 12.85 -4.93 -7.41
CA SER B 89 12.44 -6.25 -6.94
C SER B 89 13.59 -7.08 -6.40
N TYR B 90 14.84 -6.68 -6.63
CA TYR B 90 15.97 -7.44 -6.10
C TYR B 90 16.28 -7.06 -4.66
N THR B 91 16.48 -5.78 -4.40
CA THR B 91 16.86 -5.28 -3.08
C THR B 91 15.67 -4.75 -2.28
N THR B 92 14.46 -4.83 -2.82
CA THR B 92 13.21 -4.40 -2.18
C THR B 92 13.20 -2.89 -1.96
N ASN B 93 14.07 -2.17 -2.65
CA ASN B 93 14.12 -0.72 -2.51
C ASN B 93 13.05 0.01 -3.30
N LYS B 94 12.71 1.22 -2.88
CA LYS B 94 11.73 2.04 -3.58
C LYS B 94 12.46 3.10 -4.38
N VAL B 95 12.14 3.20 -5.67
CA VAL B 95 12.83 4.13 -6.56
C VAL B 95 12.09 5.45 -6.69
N HIS B 96 10.77 5.39 -6.89
CA HIS B 96 9.97 6.59 -7.10
C HIS B 96 8.64 6.45 -6.35
N ALA B 97 8.08 7.59 -5.96
CA ALA B 97 6.75 7.65 -5.37
C ALA B 97 6.03 8.86 -5.93
N ILE B 98 4.98 8.63 -6.70
CA ILE B 98 4.31 9.67 -7.48
C ILE B 98 2.88 9.80 -6.97
N PRO B 99 2.43 11.00 -6.60
CA PRO B 99 1.02 11.19 -6.25
C PRO B 99 0.19 11.61 -7.46
N LEU B 100 -1.08 11.20 -7.43
CA LEU B 100 -1.99 11.44 -8.53
C LEU B 100 -2.99 12.54 -8.18
N ARG B 101 -3.46 13.24 -9.22
CA ARG B 101 -4.44 14.29 -9.02
C ARG B 101 -5.78 13.72 -8.57
N SER B 102 -6.20 12.60 -9.17
CA SER B 102 -7.43 11.91 -8.80
C SER B 102 -7.09 10.59 -8.15
N SER B 103 -7.76 10.29 -7.04
CA SER B 103 -7.44 9.11 -6.25
C SER B 103 -8.11 7.83 -6.73
N TRP B 104 -9.04 7.93 -7.68
CA TRP B 104 -9.75 6.75 -8.18
C TRP B 104 -9.09 6.27 -9.48
N VAL B 105 -7.89 5.71 -9.32
CA VAL B 105 -7.12 5.18 -10.43
C VAL B 105 -7.46 3.70 -10.59
N MET B 106 -7.43 3.21 -11.83
CA MET B 106 -7.82 1.84 -12.12
C MET B 106 -6.81 1.06 -12.94
N THR B 107 -5.81 1.70 -13.55
CA THR B 107 -4.85 0.98 -14.38
C THR B 107 -3.56 1.79 -14.46
N CYS B 108 -2.49 1.08 -14.82
CA CYS B 108 -1.17 1.70 -14.99
C CYS B 108 -0.37 0.89 -16.00
N ALA B 109 0.50 1.58 -16.73
CA ALA B 109 1.33 0.94 -17.74
C ALA B 109 2.74 1.52 -17.67
N TYR B 110 3.71 0.72 -18.13
CA TYR B 110 5.12 1.09 -18.10
C TYR B 110 5.67 1.03 -19.51
N ALA B 111 6.42 2.06 -19.90
CA ALA B 111 6.89 2.16 -21.27
C ALA B 111 7.91 1.07 -21.58
N PRO B 112 7.94 0.58 -22.83
CA PRO B 112 8.93 -0.44 -23.20
C PRO B 112 10.37 0.05 -23.05
N SER B 113 10.63 1.32 -23.28
CA SER B 113 11.97 1.87 -23.12
C SER B 113 12.26 2.29 -21.68
N GLY B 114 11.27 2.24 -20.79
CA GLY B 114 11.48 2.64 -19.41
C GLY B 114 11.54 4.14 -19.20
N ASN B 115 10.99 4.93 -20.11
CA ASN B 115 11.04 6.38 -20.00
C ASN B 115 9.77 7.00 -19.46
N TYR B 116 8.62 6.35 -19.62
CA TYR B 116 7.33 6.92 -19.24
C TYR B 116 6.49 5.89 -18.51
N VAL B 117 5.52 6.39 -17.74
CA VAL B 117 4.45 5.58 -17.18
C VAL B 117 3.13 6.31 -17.42
N ALA B 118 2.04 5.55 -17.38
CA ALA B 118 0.71 6.08 -17.63
C ALA B 118 -0.26 5.53 -16.59
N CYS B 119 -1.34 6.27 -16.37
CA CYS B 119 -2.37 5.84 -15.43
C CYS B 119 -3.67 6.58 -15.76
N GLY B 120 -4.77 6.07 -15.22
CA GLY B 120 -6.07 6.68 -15.44
C GLY B 120 -7.11 5.96 -14.61
N GLY B 121 -8.32 6.52 -14.62
CA GLY B 121 -9.40 5.96 -13.82
C GLY B 121 -10.72 6.68 -13.98
N LEU B 122 -11.40 6.98 -12.87
CA LEU B 122 -12.72 7.59 -12.92
C LEU B 122 -12.62 9.09 -13.12
N ASP B 123 -11.88 9.52 -14.15
CA ASP B 123 -11.79 10.93 -14.49
C ASP B 123 -11.78 11.17 -15.99
N ASN B 124 -11.91 10.13 -16.81
CA ASN B 124 -11.97 10.21 -18.27
C ASN B 124 -10.68 10.74 -18.89
N ILE B 125 -9.57 10.69 -18.15
CA ILE B 125 -8.30 11.27 -18.58
C ILE B 125 -7.20 10.22 -18.43
N CYS B 126 -6.29 10.18 -19.40
CA CYS B 126 -5.11 9.33 -19.34
C CYS B 126 -3.88 10.23 -19.24
N SER B 127 -3.14 10.10 -18.13
CA SER B 127 -2.00 10.95 -17.85
C SER B 127 -0.70 10.25 -18.20
N ILE B 128 0.28 11.02 -18.67
CA ILE B 128 1.60 10.51 -19.02
C ILE B 128 2.61 11.20 -18.13
N TYR B 129 3.49 10.40 -17.50
CA TYR B 129 4.50 10.91 -16.60
C TYR B 129 5.88 10.63 -17.18
N ASN B 130 6.74 11.64 -17.18
CA ASN B 130 8.09 11.52 -17.71
C ASN B 130 9.05 11.19 -16.58
N LEU B 131 9.74 10.06 -16.68
CA LEU B 131 10.62 9.58 -15.63
C LEU B 131 12.07 10.04 -15.77
N LYS B 132 12.44 10.62 -16.91
CA LYS B 132 13.81 11.04 -17.17
C LYS B 132 13.82 12.53 -17.51
N THR B 133 13.93 13.36 -16.49
CA THR B 133 14.03 14.80 -16.64
C THR B 133 15.36 15.29 -16.09
N ARG B 134 15.78 16.49 -16.46
CA ARG B 134 17.01 17.07 -15.94
C ARG B 134 16.85 17.28 -14.49
N GLU B 135 15.73 17.83 -14.07
CA GLU B 135 15.45 17.91 -12.64
C GLU B 135 15.10 16.53 -12.11
N GLY B 136 15.49 16.25 -10.87
CA GLY B 136 15.28 14.95 -10.30
C GLY B 136 13.88 14.70 -9.78
N ASN B 137 12.87 15.11 -10.54
CA ASN B 137 11.49 14.92 -10.15
C ASN B 137 10.68 14.40 -11.34
N VAL B 138 9.59 13.71 -11.04
CA VAL B 138 8.69 13.16 -12.03
C VAL B 138 7.50 14.09 -12.19
N ARG B 139 7.23 14.53 -13.42
CA ARG B 139 6.16 15.47 -13.71
C ARG B 139 5.32 14.94 -14.86
N VAL B 140 4.07 15.40 -14.90
CA VAL B 140 3.14 15.01 -15.96
C VAL B 140 3.44 15.81 -17.22
N SER B 141 3.45 15.12 -18.35
CA SER B 141 3.80 15.74 -19.62
C SER B 141 2.67 15.77 -20.64
N ARG B 142 1.58 15.04 -20.42
CA ARG B 142 0.49 15.00 -21.38
C ARG B 142 -0.75 14.42 -20.70
N GLU B 143 -1.89 15.05 -20.93
CA GLU B 143 -3.18 14.60 -20.44
C GLU B 143 -4.10 14.38 -21.63
N LEU B 144 -4.49 13.11 -21.85
CA LEU B 144 -5.31 12.76 -22.99
C LEU B 144 -6.78 12.78 -22.59
N ALA B 145 -7.57 13.62 -23.25
CA ALA B 145 -8.98 13.80 -22.94
C ALA B 145 -9.81 13.62 -24.21
N GLY B 146 -11.04 13.17 -24.02
CA GLY B 146 -11.94 12.92 -25.13
C GLY B 146 -12.85 11.73 -24.92
N HIS B 147 -12.50 10.86 -23.97
CA HIS B 147 -13.34 9.73 -23.62
C HIS B 147 -14.52 10.20 -22.79
N THR B 148 -15.63 9.47 -22.88
CA THR B 148 -16.85 9.76 -22.13
C THR B 148 -16.97 8.93 -20.86
N GLY B 149 -16.43 7.72 -20.86
CA GLY B 149 -16.42 6.87 -19.69
C GLY B 149 -15.03 6.75 -19.06
N TYR B 150 -15.00 6.01 -17.96
CA TYR B 150 -13.76 5.85 -17.21
C TYR B 150 -12.77 4.97 -17.97
N LEU B 151 -11.49 5.22 -17.76
CA LEU B 151 -10.42 4.42 -18.37
C LEU B 151 -10.25 3.12 -17.62
N SER B 152 -10.16 2.01 -18.35
CA SER B 152 -10.00 0.70 -17.75
C SER B 152 -8.67 0.02 -18.07
N CYS B 153 -8.00 0.40 -19.16
CA CYS B 153 -6.70 -0.17 -19.48
C CYS B 153 -5.96 0.77 -20.41
N CYS B 154 -4.64 0.59 -20.49
CA CYS B 154 -3.79 1.38 -21.37
C CYS B 154 -2.49 0.62 -21.60
N ARG B 155 -1.96 0.71 -22.82
CA ARG B 155 -0.71 0.03 -23.16
C ARG B 155 0.06 0.86 -24.17
N PHE B 156 1.37 0.95 -23.97
CA PHE B 156 2.24 1.67 -24.89
C PHE B 156 2.55 0.81 -26.11
N LEU B 157 2.56 1.45 -27.28
CA LEU B 157 3.13 0.83 -28.48
C LEU B 157 4.61 1.20 -28.62
N ASP B 158 4.90 2.49 -28.51
CA ASP B 158 6.26 3.00 -28.45
C ASP B 158 6.22 4.27 -27.62
N ASP B 159 7.28 5.08 -27.70
CA ASP B 159 7.34 6.31 -26.92
C ASP B 159 6.32 7.35 -27.35
N ASN B 160 5.65 7.15 -28.50
CA ASN B 160 4.75 8.16 -29.04
C ASN B 160 3.32 7.67 -29.25
N GLN B 161 3.06 6.36 -29.18
CA GLN B 161 1.74 5.82 -29.44
C GLN B 161 1.25 5.03 -28.23
N ILE B 162 -0.05 5.20 -27.92
CA ILE B 162 -0.68 4.52 -26.79
C ILE B 162 -2.10 4.17 -27.16
N VAL B 163 -2.57 3.04 -26.65
CA VAL B 163 -3.93 2.54 -26.89
C VAL B 163 -4.65 2.49 -25.55
N THR B 164 -5.85 3.07 -25.51
CA THR B 164 -6.62 3.10 -24.27
C THR B 164 -7.99 2.47 -24.43
N SER B 165 -8.49 1.95 -23.32
CA SER B 165 -9.80 1.32 -23.24
C SER B 165 -10.66 2.10 -22.26
N SER B 166 -11.90 2.38 -22.66
CA SER B 166 -12.78 3.15 -21.81
C SER B 166 -14.10 2.48 -21.52
N GLY B 167 -14.85 3.12 -20.64
CA GLY B 167 -16.16 2.67 -20.25
C GLY B 167 -17.29 3.16 -21.11
N ASP B 168 -16.93 3.80 -22.21
CA ASP B 168 -17.88 4.31 -23.17
C ASP B 168 -17.89 3.45 -24.42
N THR B 169 -17.71 2.13 -24.26
CA THR B 169 -17.78 1.09 -25.30
C THR B 169 -16.86 1.35 -26.48
N THR B 170 -15.90 2.26 -26.35
CA THR B 170 -15.00 2.58 -27.47
C THR B 170 -13.55 2.49 -27.03
N CYS B 171 -12.69 2.11 -27.97
CA CYS B 171 -11.25 2.19 -27.81
C CYS B 171 -10.70 3.30 -28.69
N ALA B 172 -9.44 3.64 -28.47
CA ALA B 172 -8.83 4.75 -29.20
C ALA B 172 -7.33 4.55 -29.31
N LEU B 173 -6.78 5.06 -30.41
CA LEU B 173 -5.33 5.14 -30.61
C LEU B 173 -4.94 6.62 -30.58
N TRP B 174 -4.01 6.96 -29.70
CA TRP B 174 -3.68 8.36 -29.44
C TRP B 174 -2.30 8.69 -30.02
N ASP B 175 -2.00 9.99 -30.00
CA ASP B 175 -0.72 10.54 -30.43
C ASP B 175 -0.25 11.48 -29.33
N ILE B 176 0.72 11.02 -28.53
CA ILE B 176 1.13 11.77 -27.35
C ILE B 176 1.72 13.13 -27.73
N GLU B 177 2.34 13.23 -28.90
CA GLU B 177 2.96 14.49 -29.30
C GLU B 177 1.93 15.60 -29.45
N THR B 178 0.78 15.30 -30.05
CA THR B 178 -0.27 16.30 -30.23
C THR B 178 -1.42 16.15 -29.25
N GLY B 179 -1.68 14.94 -28.79
CA GLY B 179 -2.75 14.70 -27.84
C GLY B 179 -4.13 14.51 -28.43
N GLN B 180 -4.19 14.24 -29.72
CA GLN B 180 -5.46 14.02 -30.41
C GLN B 180 -5.55 12.59 -30.91
N GLN B 181 -6.75 12.02 -30.83
CA GLN B 181 -6.96 10.67 -31.31
C GLN B 181 -6.74 10.60 -32.81
N THR B 182 -6.03 9.56 -33.25
CA THR B 182 -5.83 9.30 -34.68
C THR B 182 -6.73 8.19 -35.21
N THR B 183 -7.31 7.37 -34.32
CA THR B 183 -8.20 6.29 -34.72
C THR B 183 -9.16 6.02 -33.58
N THR B 184 -10.41 5.74 -33.93
CA THR B 184 -11.45 5.39 -32.97
C THR B 184 -11.94 3.98 -33.28
N PHE B 185 -12.08 3.16 -32.24
CA PHE B 185 -12.47 1.75 -32.38
C PHE B 185 -13.83 1.58 -31.73
N THR B 186 -14.88 1.74 -32.53
CA THR B 186 -16.26 1.58 -32.07
C THR B 186 -16.80 0.22 -32.49
N GLY B 187 -17.83 -0.23 -31.78
CA GLY B 187 -18.47 -1.50 -32.11
C GLY B 187 -18.92 -2.33 -30.93
N HIS B 188 -18.26 -2.16 -29.78
CA HIS B 188 -18.71 -2.86 -28.58
C HIS B 188 -20.04 -2.32 -28.10
N THR B 189 -20.86 -3.21 -27.54
CA THR B 189 -22.16 -2.82 -27.00
C THR B 189 -22.07 -2.39 -25.54
N GLY B 190 -21.30 -3.11 -24.73
CA GLY B 190 -21.07 -2.77 -23.35
C GLY B 190 -19.70 -2.14 -23.13
N ASP B 191 -19.50 -1.62 -21.93
CA ASP B 191 -18.25 -0.94 -21.61
C ASP B 191 -17.09 -1.92 -21.56
N VAL B 192 -15.95 -1.49 -22.12
CA VAL B 192 -14.80 -2.36 -22.30
C VAL B 192 -13.98 -2.39 -21.01
N MET B 193 -13.46 -3.57 -20.67
CA MET B 193 -12.75 -3.78 -19.41
C MET B 193 -11.25 -3.95 -19.55
N SER B 194 -10.78 -4.54 -20.64
CA SER B 194 -9.36 -4.86 -20.76
C SER B 194 -8.96 -4.97 -22.21
N LEU B 195 -7.65 -4.96 -22.45
CA LEU B 195 -7.08 -5.16 -23.78
C LEU B 195 -5.71 -5.79 -23.64
N SER B 196 -5.21 -6.32 -24.75
CA SER B 196 -3.89 -6.94 -24.79
C SER B 196 -3.25 -6.67 -26.15
N LEU B 197 -1.94 -6.41 -26.14
CA LEU B 197 -1.20 -6.13 -27.36
C LEU B 197 -0.58 -7.41 -27.92
N ALA B 198 -0.12 -7.32 -29.17
CA ALA B 198 0.56 -8.38 -29.90
C ALA B 198 2.06 -8.12 -29.90
N PRO B 199 2.88 -9.19 -30.00
CA PRO B 199 4.34 -8.98 -30.00
C PRO B 199 4.83 -8.07 -31.12
N ASP B 200 4.21 -8.12 -32.29
CA ASP B 200 4.59 -7.26 -33.40
C ASP B 200 3.92 -5.89 -33.34
N THR B 201 2.98 -5.69 -32.41
CA THR B 201 2.23 -4.44 -32.28
C THR B 201 1.52 -4.06 -33.57
N ARG B 202 0.98 -5.07 -34.27
CA ARG B 202 0.15 -4.86 -35.44
C ARG B 202 -1.31 -5.19 -35.20
N LEU B 203 -1.63 -5.88 -34.11
CA LEU B 203 -3.00 -6.24 -33.77
C LEU B 203 -3.15 -6.16 -32.26
N PHE B 204 -4.39 -6.08 -31.79
CA PHE B 204 -4.67 -6.11 -30.36
C PHE B 204 -6.08 -6.64 -30.13
N VAL B 205 -6.25 -7.37 -29.05
CA VAL B 205 -7.53 -7.95 -28.67
C VAL B 205 -8.13 -7.15 -27.54
N SER B 206 -9.46 -7.22 -27.39
CA SER B 206 -10.16 -6.43 -26.40
C SER B 206 -11.40 -7.18 -25.95
N GLY B 207 -11.70 -7.10 -24.66
CA GLY B 207 -12.88 -7.74 -24.12
C GLY B 207 -13.73 -6.76 -23.33
N ALA B 208 -15.04 -6.93 -23.43
CA ALA B 208 -15.99 -5.98 -22.85
C ALA B 208 -17.02 -6.73 -22.01
N CYS B 209 -17.91 -5.95 -21.37
CA CYS B 209 -18.95 -6.50 -20.52
C CYS B 209 -20.08 -7.16 -21.31
N ASP B 210 -20.11 -7.02 -22.63
CA ASP B 210 -21.10 -7.70 -23.45
C ASP B 210 -20.73 -9.14 -23.77
N ALA B 211 -19.81 -9.72 -22.99
CA ALA B 211 -19.43 -11.13 -23.10
C ALA B 211 -18.91 -11.49 -24.48
N SER B 212 -18.26 -10.54 -25.16
CA SER B 212 -17.66 -10.78 -26.47
C SER B 212 -16.26 -10.21 -26.51
N ALA B 213 -15.40 -10.88 -27.28
CA ALA B 213 -14.03 -10.44 -27.51
C ALA B 213 -13.82 -10.19 -28.99
N LYS B 214 -13.15 -9.08 -29.31
CA LYS B 214 -12.96 -8.65 -30.68
C LYS B 214 -11.50 -8.39 -30.97
N LEU B 215 -11.10 -8.60 -32.22
CA LEU B 215 -9.74 -8.36 -32.68
C LEU B 215 -9.74 -7.15 -33.60
N TRP B 216 -8.82 -6.23 -33.35
CA TRP B 216 -8.76 -4.96 -34.07
C TRP B 216 -7.43 -4.83 -34.79
N ASP B 217 -7.44 -4.14 -35.93
CA ASP B 217 -6.23 -3.83 -36.69
C ASP B 217 -5.84 -2.38 -36.41
N VAL B 218 -4.62 -2.17 -35.95
CA VAL B 218 -4.20 -0.84 -35.54
C VAL B 218 -4.06 0.08 -36.75
N ARG B 219 -3.49 -0.42 -37.85
CA ARG B 219 -3.22 0.44 -39.00
C ARG B 219 -4.50 0.90 -39.68
N GLU B 220 -5.41 -0.03 -39.95
CA GLU B 220 -6.65 0.31 -40.66
C GLU B 220 -7.78 0.71 -39.73
N GLY B 221 -7.63 0.52 -38.42
CA GLY B 221 -8.64 0.92 -37.46
C GLY B 221 -9.98 0.26 -37.68
N MET B 222 -9.99 -1.05 -37.88
CA MET B 222 -11.20 -1.77 -38.26
C MET B 222 -11.22 -3.14 -37.57
N CYS B 223 -12.43 -3.57 -37.22
CA CYS B 223 -12.62 -4.85 -36.57
C CYS B 223 -12.34 -5.99 -37.56
N ARG B 224 -11.72 -7.05 -37.06
CA ARG B 224 -11.33 -8.19 -37.88
C ARG B 224 -12.05 -9.48 -37.52
N GLN B 225 -12.17 -9.81 -36.24
CA GLN B 225 -12.77 -11.07 -35.82
C GLN B 225 -13.55 -10.85 -34.53
N THR B 226 -14.43 -11.81 -34.23
CA THR B 226 -15.24 -11.78 -33.02
C THR B 226 -15.25 -13.17 -32.40
N PHE B 227 -15.19 -13.22 -31.08
CA PHE B 227 -15.19 -14.47 -30.33
C PHE B 227 -16.27 -14.43 -29.26
N THR B 228 -16.99 -15.54 -29.12
CA THR B 228 -18.06 -15.66 -28.14
C THR B 228 -17.95 -17.00 -27.43
N GLY B 229 -18.71 -17.14 -26.34
CA GLY B 229 -18.73 -18.39 -25.59
C GLY B 229 -18.81 -18.19 -24.09
N HIS B 230 -18.46 -17.00 -23.63
CA HIS B 230 -18.46 -16.72 -22.20
C HIS B 230 -19.87 -16.36 -21.72
N GLU B 231 -20.26 -16.93 -20.59
CA GLU B 231 -21.61 -16.70 -20.05
C GLU B 231 -21.74 -15.33 -19.40
N SER B 232 -20.67 -14.83 -18.79
CA SER B 232 -20.70 -13.54 -18.09
C SER B 232 -19.72 -12.57 -18.77
N ASP B 233 -19.52 -11.43 -18.14
CA ASP B 233 -18.68 -10.38 -18.70
C ASP B 233 -17.20 -10.75 -18.57
N ILE B 234 -16.36 -10.01 -19.30
CA ILE B 234 -14.93 -10.28 -19.39
C ILE B 234 -14.17 -9.30 -18.50
N ASN B 235 -13.28 -9.82 -17.66
CA ASN B 235 -12.49 -9.00 -16.75
C ASN B 235 -11.02 -8.90 -17.12
N ALA B 236 -10.44 -9.93 -17.73
CA ALA B 236 -9.02 -9.93 -18.03
C ALA B 236 -8.76 -10.75 -19.29
N ILE B 237 -7.88 -10.25 -20.14
CA ILE B 237 -7.50 -10.90 -21.39
C ILE B 237 -5.99 -10.93 -21.50
N CYS B 238 -5.45 -12.07 -21.93
CA CYS B 238 -4.02 -12.25 -22.15
C CYS B 238 -3.79 -12.86 -23.52
N PHE B 239 -2.53 -12.89 -23.94
CA PHE B 239 -2.16 -13.28 -25.29
C PHE B 239 -1.04 -14.32 -25.24
N PHE B 240 -1.14 -15.33 -26.10
CA PHE B 240 -0.15 -16.40 -26.12
C PHE B 240 1.19 -15.89 -26.62
N PRO B 241 2.30 -16.43 -26.11
CA PRO B 241 3.62 -15.98 -26.56
C PRO B 241 3.87 -16.19 -28.05
N ASN B 242 3.29 -17.24 -28.64
CA ASN B 242 3.54 -17.51 -30.06
C ASN B 242 2.97 -16.42 -30.94
N GLY B 243 1.71 -16.05 -30.72
CA GLY B 243 1.11 -14.96 -31.48
C GLY B 243 -0.20 -15.31 -32.14
N ASN B 244 -0.71 -16.52 -31.90
CA ASN B 244 -1.90 -17.01 -32.55
C ASN B 244 -3.06 -17.34 -31.61
N ALA B 245 -2.84 -17.27 -30.30
CA ALA B 245 -3.88 -17.62 -29.33
C ALA B 245 -3.97 -16.56 -28.25
N PHE B 246 -5.12 -16.50 -27.59
CA PHE B 246 -5.33 -15.61 -26.47
C PHE B 246 -6.31 -16.24 -25.50
N ALA B 247 -6.10 -16.00 -24.21
CA ALA B 247 -6.93 -16.55 -23.14
C ALA B 247 -7.61 -15.43 -22.37
N THR B 248 -8.84 -15.69 -21.94
CA THR B 248 -9.66 -14.70 -21.26
C THR B 248 -9.98 -15.16 -19.84
N GLY B 249 -10.77 -14.35 -19.14
CA GLY B 249 -11.22 -14.66 -17.80
C GLY B 249 -12.50 -13.89 -17.46
N SER B 250 -13.51 -14.59 -16.96
CA SER B 250 -14.83 -14.01 -16.77
C SER B 250 -15.20 -14.04 -15.28
N ASP B 251 -16.43 -13.64 -15.00
CA ASP B 251 -16.97 -13.63 -13.64
C ASP B 251 -17.70 -14.92 -13.29
N ASP B 252 -17.73 -15.91 -14.19
CA ASP B 252 -18.41 -17.17 -13.96
C ASP B 252 -17.43 -18.32 -13.72
N ALA B 253 -16.26 -18.02 -13.17
CA ALA B 253 -15.26 -19.02 -12.80
C ALA B 253 -14.86 -19.90 -13.97
N THR B 254 -14.57 -19.26 -15.11
CA THR B 254 -14.17 -19.99 -16.30
C THR B 254 -13.15 -19.17 -17.08
N CYS B 255 -12.27 -19.87 -17.78
CA CYS B 255 -11.29 -19.26 -18.68
C CYS B 255 -11.13 -20.15 -19.90
N ARG B 256 -11.04 -19.52 -21.07
CA ARG B 256 -10.95 -20.24 -22.34
C ARG B 256 -9.63 -19.91 -23.04
N LEU B 257 -9.50 -20.41 -24.27
CA LEU B 257 -8.32 -20.14 -25.10
C LEU B 257 -8.74 -20.24 -26.55
N PHE B 258 -8.85 -19.09 -27.23
CA PHE B 258 -9.33 -19.03 -28.59
C PHE B 258 -8.18 -18.84 -29.57
N ASP B 259 -8.21 -19.58 -30.67
CA ASP B 259 -7.27 -19.37 -31.76
C ASP B 259 -7.71 -18.19 -32.61
N LEU B 260 -6.76 -17.66 -33.38
CA LEU B 260 -7.05 -16.56 -34.31
C LEU B 260 -7.46 -17.08 -35.68
N ARG B 261 -6.56 -17.84 -36.30
CA ARG B 261 -6.78 -18.40 -37.62
C ARG B 261 -7.90 -19.44 -37.63
N ALA B 262 -7.94 -20.28 -36.61
CA ALA B 262 -8.96 -21.31 -36.52
C ALA B 262 -10.33 -20.73 -36.19
N ASP B 263 -10.38 -19.68 -35.37
CA ASP B 263 -11.62 -18.99 -35.00
C ASP B 263 -12.60 -19.96 -34.34
N GLN B 264 -12.25 -20.35 -33.12
CA GLN B 264 -13.09 -21.24 -32.39
C GLN B 264 -12.69 -21.22 -30.96
N GLU B 265 -13.31 -22.04 -30.13
CA GLU B 265 -12.95 -22.18 -28.72
C GLU B 265 -12.25 -23.51 -28.49
N LEU B 266 -11.07 -23.44 -27.90
CA LEU B 266 -10.28 -24.62 -27.57
C LEU B 266 -10.59 -25.06 -26.13
N MET B 267 -9.73 -25.92 -25.57
CA MET B 267 -9.91 -26.46 -24.23
C MET B 267 -10.26 -25.37 -23.22
N THR B 268 -11.10 -25.73 -22.26
CA THR B 268 -11.59 -24.82 -21.23
C THR B 268 -11.04 -25.22 -19.88
N TYR B 269 -10.59 -24.22 -19.11
CA TYR B 269 -9.95 -24.43 -17.81
C TYR B 269 -10.90 -23.95 -16.71
N SER B 270 -11.54 -24.91 -16.04
CA SER B 270 -12.48 -24.60 -14.96
C SER B 270 -12.65 -25.82 -14.09
N HIS B 271 -13.26 -25.62 -12.92
CA HIS B 271 -13.49 -26.69 -11.98
C HIS B 271 -14.76 -26.41 -11.19
N ASP B 272 -15.32 -27.46 -10.61
CA ASP B 272 -16.57 -27.37 -9.85
C ASP B 272 -16.38 -26.80 -8.45
N ASN B 273 -15.15 -26.62 -7.99
CA ASN B 273 -14.87 -26.13 -6.65
C ASN B 273 -14.71 -24.62 -6.59
N ILE B 274 -14.91 -23.91 -7.70
CA ILE B 274 -14.73 -22.47 -7.76
C ILE B 274 -16.05 -21.82 -8.16
N ILE B 275 -16.45 -20.80 -7.41
CA ILE B 275 -17.73 -20.13 -7.63
C ILE B 275 -17.48 -18.67 -7.99
N CYS B 276 -16.38 -18.11 -7.49
CA CYS B 276 -16.09 -16.70 -7.70
C CYS B 276 -15.40 -16.49 -9.05
N GLY B 277 -15.41 -15.23 -9.50
CA GLY B 277 -14.89 -14.88 -10.81
C GLY B 277 -13.38 -14.66 -10.82
N ILE B 278 -12.86 -14.43 -12.03
CA ILE B 278 -11.44 -14.22 -12.27
C ILE B 278 -11.18 -12.73 -12.40
N THR B 279 -10.04 -12.28 -11.90
CA THR B 279 -9.64 -10.88 -11.99
C THR B 279 -8.48 -10.63 -12.94
N SER B 280 -7.51 -11.55 -13.02
CA SER B 280 -6.35 -11.35 -13.86
C SER B 280 -5.88 -12.68 -14.43
N VAL B 281 -5.26 -12.63 -15.61
CA VAL B 281 -4.70 -13.81 -16.27
C VAL B 281 -3.33 -13.45 -16.83
N SER B 282 -2.47 -14.46 -16.94
CA SER B 282 -1.14 -14.26 -17.50
C SER B 282 -0.63 -15.60 -17.99
N PHE B 283 0.45 -15.55 -18.78
CA PHE B 283 1.03 -16.73 -19.41
C PHE B 283 2.48 -16.90 -18.98
N SER B 284 3.00 -18.11 -19.20
CA SER B 284 4.40 -18.42 -18.97
C SER B 284 5.22 -18.12 -20.22
N LYS B 285 6.55 -18.14 -20.06
CA LYS B 285 7.43 -17.79 -21.16
C LYS B 285 7.33 -18.79 -22.32
N SER B 286 7.00 -20.05 -22.01
CA SER B 286 6.84 -21.07 -23.04
C SER B 286 5.39 -21.37 -23.37
N GLY B 287 4.45 -20.82 -22.60
CA GLY B 287 3.05 -21.15 -22.78
C GLY B 287 2.63 -22.46 -22.13
N ARG B 288 3.51 -23.07 -21.34
CA ARG B 288 3.20 -24.33 -20.67
C ARG B 288 2.33 -24.18 -19.44
N LEU B 289 2.18 -22.96 -18.92
CA LEU B 289 1.40 -22.72 -17.72
C LEU B 289 0.42 -21.59 -17.97
N LEU B 290 -0.70 -21.62 -17.23
CA LEU B 290 -1.69 -20.55 -17.24
C LEU B 290 -2.05 -20.28 -15.79
N LEU B 291 -1.77 -19.05 -15.32
CA LEU B 291 -2.04 -18.66 -13.95
C LEU B 291 -3.08 -17.54 -13.94
N ALA B 292 -4.06 -17.66 -13.05
CA ALA B 292 -5.13 -16.70 -12.95
C ALA B 292 -5.45 -16.42 -11.49
N GLY B 293 -5.74 -15.16 -11.19
CA GLY B 293 -6.08 -14.77 -9.83
C GLY B 293 -7.58 -14.74 -9.65
N TYR B 294 -8.05 -15.44 -8.62
CA TYR B 294 -9.47 -15.59 -8.34
C TYR B 294 -9.86 -14.69 -7.17
N ASP B 295 -11.17 -14.59 -6.95
CA ASP B 295 -11.70 -13.77 -5.85
C ASP B 295 -11.59 -14.46 -4.50
N ASP B 296 -11.35 -15.77 -4.46
CA ASP B 296 -11.22 -16.46 -3.18
C ASP B 296 -9.81 -16.33 -2.63
N PHE B 297 -9.29 -15.09 -2.62
CA PHE B 297 -8.05 -14.75 -1.92
C PHE B 297 -6.83 -15.47 -2.50
N ASN B 298 -7.00 -16.27 -3.54
CA ASN B 298 -5.97 -17.20 -3.98
C ASN B 298 -5.65 -17.01 -5.46
N CYS B 299 -4.58 -17.67 -5.89
CA CYS B 299 -4.14 -17.68 -7.27
C CYS B 299 -3.99 -19.14 -7.70
N ASN B 300 -4.58 -19.49 -8.84
CA ASN B 300 -4.57 -20.86 -9.33
C ASN B 300 -3.66 -20.97 -10.55
N VAL B 301 -2.77 -21.94 -10.53
CA VAL B 301 -1.85 -22.23 -11.63
C VAL B 301 -2.33 -23.49 -12.31
N TRP B 302 -2.47 -23.43 -13.64
CA TRP B 302 -3.05 -24.52 -14.42
C TRP B 302 -2.05 -24.98 -15.47
N ASP B 303 -2.19 -26.25 -15.86
CA ASP B 303 -1.46 -26.77 -17.02
C ASP B 303 -2.16 -26.30 -18.29
N ALA B 304 -1.44 -25.51 -19.09
CA ALA B 304 -2.04 -24.87 -20.26
C ALA B 304 -2.35 -25.85 -21.39
N LEU B 305 -1.90 -27.11 -21.29
CA LEU B 305 -2.12 -28.07 -22.35
C LEU B 305 -3.09 -29.18 -21.99
N LYS B 306 -3.27 -29.49 -20.71
CA LYS B 306 -4.10 -30.62 -20.30
C LYS B 306 -5.18 -30.25 -19.29
N ALA B 307 -5.32 -28.96 -18.97
CA ALA B 307 -6.33 -28.48 -18.01
C ALA B 307 -6.21 -29.20 -16.67
N ASP B 308 -5.01 -29.18 -16.11
CA ASP B 308 -4.72 -29.80 -14.83
C ASP B 308 -4.27 -28.74 -13.84
N ARG B 309 -4.88 -28.75 -12.65
CA ARG B 309 -4.47 -27.82 -11.59
C ARG B 309 -3.13 -28.28 -11.02
N ALA B 310 -2.12 -27.40 -11.11
CA ALA B 310 -0.78 -27.73 -10.64
C ALA B 310 -0.22 -26.52 -9.88
N GLY B 311 -0.44 -26.51 -8.58
CA GLY B 311 0.11 -25.46 -7.74
C GLY B 311 -0.88 -24.37 -7.39
N VAL B 312 -0.79 -23.84 -6.18
CA VAL B 312 -1.64 -22.75 -5.72
C VAL B 312 -0.76 -21.74 -4.99
N LEU B 313 -0.92 -20.46 -5.32
CA LEU B 313 -0.14 -19.39 -4.71
C LEU B 313 -0.98 -18.79 -3.59
N ALA B 314 -0.90 -19.40 -2.41
CA ALA B 314 -1.64 -18.92 -1.25
C ALA B 314 -0.71 -18.17 -0.29
N HIS B 316 -2.12 -14.14 0.61
CA HIS B 316 -2.92 -12.93 0.61
C HIS B 316 -4.19 -13.13 1.42
N ASP B 317 -4.59 -12.08 2.16
CA ASP B 317 -5.73 -12.13 3.04
C ASP B 317 -6.97 -11.48 2.45
N ASN B 318 -6.93 -11.09 1.18
CA ASN B 318 -8.07 -10.45 0.53
C ASN B 318 -8.04 -10.79 -0.95
N ARG B 319 -8.88 -10.10 -1.72
CA ARG B 319 -9.06 -10.41 -3.13
C ARG B 319 -7.81 -10.08 -3.94
N VAL B 320 -7.42 -11.00 -4.81
CA VAL B 320 -6.30 -10.77 -5.73
C VAL B 320 -6.81 -9.95 -6.91
N SER B 321 -6.11 -8.84 -7.20
CA SER B 321 -6.56 -7.89 -8.20
C SER B 321 -5.72 -7.87 -9.48
N CYS B 322 -4.48 -8.33 -9.42
CA CYS B 322 -3.61 -8.24 -10.59
C CYS B 322 -2.51 -9.28 -10.52
N LEU B 323 -1.93 -9.60 -11.68
CA LEU B 323 -0.84 -10.55 -11.80
C LEU B 323 0.20 -10.01 -12.77
N GLY B 324 1.34 -10.68 -12.83
CA GLY B 324 2.39 -10.33 -13.75
C GLY B 324 3.51 -11.34 -13.79
N VAL B 325 3.97 -11.69 -14.99
CA VAL B 325 5.05 -12.64 -15.19
C VAL B 325 6.21 -11.91 -15.85
N THR B 326 7.41 -12.11 -15.33
CA THR B 326 8.59 -11.43 -15.84
C THR B 326 8.86 -11.86 -17.28
N ASP B 327 9.51 -10.97 -18.04
CA ASP B 327 9.70 -11.20 -19.47
C ASP B 327 10.52 -12.46 -19.73
N ASP B 328 11.55 -12.69 -18.93
CA ASP B 328 12.41 -13.86 -19.08
C ASP B 328 11.96 -15.05 -18.24
N GLY B 329 10.73 -15.02 -17.70
CA GLY B 329 10.24 -16.12 -16.90
C GLY B 329 10.81 -16.19 -15.51
N MET B 330 11.42 -15.10 -15.03
CA MET B 330 12.15 -15.14 -13.77
C MET B 330 11.22 -15.42 -12.59
N ALA B 331 10.15 -14.65 -12.45
CA ALA B 331 9.30 -14.72 -11.27
C ALA B 331 7.92 -14.18 -11.62
N VAL B 332 7.02 -14.23 -10.64
CA VAL B 332 5.65 -13.75 -10.77
C VAL B 332 5.35 -12.82 -9.61
N ALA B 333 4.79 -11.65 -9.91
CA ALA B 333 4.37 -10.69 -8.91
C ALA B 333 2.84 -10.63 -8.88
N THR B 334 2.28 -10.67 -7.68
CA THR B 334 0.82 -10.62 -7.49
C THR B 334 0.45 -9.47 -6.56
N GLY B 335 -0.63 -8.78 -6.89
CA GLY B 335 -1.19 -7.74 -6.06
C GLY B 335 -2.53 -8.18 -5.48
N SER B 336 -2.99 -7.42 -4.50
CA SER B 336 -4.21 -7.79 -3.80
C SER B 336 -4.79 -6.55 -3.11
N TRP B 337 -6.01 -6.72 -2.59
CA TRP B 337 -6.76 -5.64 -1.97
C TRP B 337 -6.35 -5.36 -0.53
N ASP B 338 -5.44 -6.16 0.04
CA ASP B 338 -4.89 -5.87 1.36
C ASP B 338 -3.59 -5.08 1.30
N SER B 339 -3.26 -4.53 0.12
CA SER B 339 -2.15 -3.59 -0.06
C SER B 339 -0.78 -4.24 0.11
N PHE B 340 -0.63 -5.49 -0.34
CA PHE B 340 0.65 -6.18 -0.29
C PHE B 340 0.98 -6.77 -1.65
N LEU B 341 2.27 -6.74 -1.99
CA LEU B 341 2.80 -7.33 -3.21
C LEU B 341 3.74 -8.47 -2.86
N LYS B 342 3.55 -9.62 -3.49
CA LYS B 342 4.34 -10.81 -3.23
C LYS B 342 5.00 -11.29 -4.51
N ILE B 343 6.26 -11.70 -4.40
CA ILE B 343 7.03 -12.22 -5.52
C ILE B 343 7.26 -13.70 -5.29
N TRP B 344 6.87 -14.53 -6.25
CA TRP B 344 7.02 -15.97 -6.16
C TRP B 344 8.02 -16.46 -7.20
N ASN B 345 8.91 -17.36 -6.80
CA ASN B 345 9.91 -17.88 -7.70
C ASN B 345 10.03 -19.39 -7.59
N ALA C 23 0.64 -33.92 46.82
CA ALA C 23 0.67 -34.23 45.39
C ALA C 23 -0.45 -33.48 44.67
N SER C 24 -1.62 -33.42 45.29
CA SER C 24 -2.77 -32.74 44.72
C SER C 24 -2.48 -31.25 44.59
N LEU C 25 -1.83 -30.70 45.62
CA LEU C 25 -1.47 -29.29 45.62
C LEU C 25 -0.49 -29.02 44.48
N TYR C 26 0.46 -29.93 44.29
CA TYR C 26 1.44 -29.79 43.22
C TYR C 26 0.75 -29.84 41.86
N SER C 27 -0.23 -30.73 41.73
CA SER C 27 -0.96 -30.85 40.48
C SER C 27 -1.71 -29.56 40.18
N LEU C 28 -2.36 -28.99 41.19
CA LEU C 28 -3.05 -27.72 40.98
C LEU C 28 -2.06 -26.66 40.56
N MET C 29 -0.93 -26.59 41.25
CA MET C 29 0.07 -25.59 40.93
C MET C 29 0.48 -25.72 39.47
N SER C 30 0.75 -26.93 39.02
CA SER C 30 1.09 -27.13 37.62
C SER C 30 -0.05 -26.66 36.72
N LEU C 31 -1.28 -26.97 37.09
CA LEU C 31 -2.43 -26.59 36.28
C LEU C 31 -2.49 -25.09 36.10
N ILE C 32 -2.10 -24.31 37.10
CA ILE C 32 -2.12 -22.87 36.91
C ILE C 32 -1.03 -22.37 35.94
N ILE C 33 0.23 -22.61 36.31
CA ILE C 33 1.35 -22.15 35.49
C ILE C 33 1.30 -22.63 34.05
N LEU C 34 1.14 -23.94 33.87
CA LEU C 34 1.17 -24.49 32.52
C LEU C 34 0.11 -23.81 31.65
N ALA C 35 -1.07 -23.61 32.23
CA ALA C 35 -2.15 -22.97 31.49
C ALA C 35 -1.75 -21.54 31.16
N THR C 36 -1.14 -20.84 32.11
CA THR C 36 -0.74 -19.47 31.82
C THR C 36 0.27 -19.44 30.68
N LEU C 37 1.25 -20.32 30.73
CA LEU C 37 2.25 -20.38 29.68
C LEU C 37 1.57 -20.60 28.33
N VAL C 38 0.71 -21.60 28.24
CA VAL C 38 0.09 -21.90 26.94
C VAL C 38 -0.75 -20.73 26.44
N GLY C 39 -1.44 -20.07 27.35
CA GLY C 39 -2.27 -18.94 27.02
C GLY C 39 -1.46 -17.78 26.48
N ASN C 40 -0.27 -17.55 27.02
CA ASN C 40 0.50 -16.39 26.60
C ASN C 40 1.38 -16.65 25.38
N LEU C 41 1.82 -17.90 25.19
CA LEU C 41 2.67 -18.20 24.06
C LEU C 41 1.89 -18.15 22.74
N ILE C 42 0.68 -18.70 22.70
CA ILE C 42 -0.11 -18.65 21.46
C ILE C 42 -0.32 -17.23 20.90
N VAL C 43 -0.80 -16.32 21.75
CA VAL C 43 -1.11 -14.97 21.34
C VAL C 43 0.07 -14.18 20.81
N ILE C 44 1.23 -14.30 21.45
CA ILE C 44 2.40 -13.57 20.99
C ILE C 44 2.76 -14.02 19.58
N ILE C 45 2.81 -15.32 19.35
CA ILE C 45 3.09 -15.82 18.02
C ILE C 45 2.07 -15.27 17.03
N SER C 46 0.80 -15.36 17.39
CA SER C 46 -0.26 -14.90 16.51
C SER C 46 -0.11 -13.43 16.11
N ILE C 47 0.30 -12.55 16.98
CA ILE C 47 0.36 -11.17 16.57
C ILE C 47 1.53 -10.92 15.63
N SER C 48 2.73 -11.38 15.97
CA SER C 48 3.93 -10.98 15.23
C SER C 48 3.96 -11.50 13.80
N HIS C 49 3.69 -12.78 13.60
CA HIS C 49 3.76 -13.36 12.28
C HIS C 49 2.70 -12.85 11.32
N PHE C 50 1.47 -12.75 11.77
CA PHE C 50 0.39 -12.36 10.87
C PHE C 50 0.31 -10.87 10.58
N LYS C 51 0.34 -10.55 9.29
CA LYS C 51 0.29 -9.17 8.78
C LYS C 51 -1.00 -8.39 9.03
N GLN C 52 -2.15 -9.05 8.91
CA GLN C 52 -3.43 -8.36 9.09
C GLN C 52 -3.64 -7.76 10.47
N LEU C 53 -3.28 -8.48 11.53
CA LEU C 53 -3.46 -7.96 12.88
C LEU C 53 -2.28 -7.10 13.33
N HIS C 54 -2.06 -5.97 12.67
CA HIS C 54 -0.98 -5.07 13.04
C HIS C 54 -1.46 -3.78 13.66
N THR C 55 -2.74 -3.68 14.02
CA THR C 55 -3.31 -2.41 14.53
C THR C 55 -2.63 -1.80 15.77
N PRO C 56 -2.64 -0.46 15.90
CA PRO C 56 -2.07 0.09 17.14
C PRO C 56 -2.57 -0.64 18.41
N THR C 57 -3.88 -0.82 18.52
CA THR C 57 -4.43 -1.46 19.72
C THR C 57 -3.98 -2.90 19.93
N ASN C 58 -3.73 -3.63 18.85
CA ASN C 58 -3.32 -5.02 18.98
C ASN C 58 -1.99 -5.18 19.71
N TRP C 59 -1.11 -4.19 19.54
CA TRP C 59 0.18 -4.23 20.22
C TRP C 59 0.03 -4.12 21.73
N LEU C 60 -1.02 -3.46 22.19
CA LEU C 60 -1.26 -3.42 23.63
C LEU C 60 -1.44 -4.82 24.19
N LEU C 61 -2.11 -5.71 23.44
CA LEU C 61 -2.35 -7.05 23.95
C LEU C 61 -1.07 -7.88 23.92
N HIS C 62 -0.29 -7.69 22.86
CA HIS C 62 0.97 -8.40 22.68
C HIS C 62 1.87 -8.18 23.88
N SER C 63 2.06 -6.92 24.24
CA SER C 63 2.91 -6.54 25.38
C SER C 63 2.36 -7.11 26.68
N MET C 64 1.04 -7.06 26.84
CA MET C 64 0.43 -7.61 28.03
C MET C 64 0.72 -9.10 28.11
N ALA C 65 0.50 -9.81 27.01
CA ALA C 65 0.75 -11.25 27.01
C ALA C 65 2.21 -11.55 27.34
N ILE C 66 3.13 -10.70 26.94
CA ILE C 66 4.54 -10.93 27.27
C ILE C 66 4.77 -10.85 28.79
N VAL C 67 4.20 -9.82 29.41
CA VAL C 67 4.35 -9.61 30.84
C VAL C 67 3.75 -10.76 31.65
N ASP C 68 2.58 -11.26 31.24
CA ASP C 68 1.98 -12.39 31.93
C ASP C 68 2.86 -13.62 31.81
N PHE C 69 3.42 -13.84 30.63
CA PHE C 69 4.22 -15.03 30.41
C PHE C 69 5.39 -15.15 31.38
N LEU C 70 6.14 -14.07 31.54
CA LEU C 70 7.31 -14.09 32.41
C LEU C 70 6.93 -14.54 33.80
N LEU C 71 5.76 -14.13 34.26
CA LEU C 71 5.32 -14.47 35.60
C LEU C 71 5.22 -15.96 35.84
N GLY C 72 4.72 -16.72 34.86
CA GLY C 72 4.52 -18.14 35.10
C GLY C 72 5.79 -18.95 35.10
N CYS C 73 6.78 -18.47 34.35
CA CYS C 73 7.99 -19.21 34.16
C CYS C 73 9.02 -18.95 35.22
N LEU C 74 9.09 -17.73 35.74
CA LEU C 74 10.02 -17.50 36.81
C LEU C 74 9.43 -17.61 38.18
N ILE C 75 8.53 -16.72 38.48
CA ILE C 75 7.91 -16.58 39.77
C ILE C 75 6.98 -17.62 40.29
N MET C 76 6.14 -18.14 39.41
CA MET C 76 5.14 -19.09 39.86
C MET C 76 5.87 -20.34 40.28
N PRO C 77 6.95 -20.74 39.58
CA PRO C 77 7.60 -21.94 40.13
C PRO C 77 8.20 -21.67 41.50
N CYS C 78 9.13 -20.72 41.58
CA CYS C 78 9.80 -20.47 42.85
C CYS C 78 8.80 -20.12 43.93
N SER C 79 7.80 -19.32 43.57
CA SER C 79 6.76 -18.93 44.51
C SER C 79 6.00 -20.17 44.97
N MET C 80 5.73 -21.10 44.07
CA MET C 80 5.06 -22.32 44.49
C MET C 80 5.85 -23.05 45.58
N VAL C 81 7.17 -23.09 45.43
CA VAL C 81 8.00 -23.82 46.39
C VAL C 81 7.82 -23.40 47.85
N ARG C 82 7.70 -22.11 48.11
CA ARG C 82 7.55 -21.67 49.50
C ARG C 82 6.27 -22.23 50.13
N THR C 83 5.17 -22.16 49.39
CA THR C 83 3.89 -22.63 49.89
C THR C 83 3.79 -24.14 50.15
N VAL C 84 4.39 -24.89 49.26
CA VAL C 84 4.26 -26.33 49.39
C VAL C 84 4.89 -26.91 50.64
N GLU C 85 6.16 -26.61 50.85
CA GLU C 85 6.87 -27.18 51.96
C GLU C 85 7.05 -26.22 53.09
N ARG C 86 6.27 -25.17 53.08
CA ARG C 86 6.21 -24.24 54.21
C ARG C 86 7.58 -23.72 54.62
N CYS C 87 8.50 -23.61 53.67
CA CYS C 87 9.85 -23.18 54.00
C CYS C 87 10.57 -22.48 52.87
N TRP C 88 11.64 -21.78 53.26
CA TRP C 88 12.42 -21.10 52.22
C TRP C 88 13.84 -21.58 52.28
N TYR C 89 14.27 -22.29 51.25
CA TYR C 89 15.66 -22.77 51.26
C TYR C 89 16.43 -22.02 50.19
N PHE C 90 16.92 -20.80 50.45
CA PHE C 90 17.76 -20.05 49.50
C PHE C 90 18.50 -18.87 50.09
N GLY C 91 19.48 -18.38 49.35
CA GLY C 91 20.27 -17.28 49.89
C GLY C 91 19.46 -16.02 50.12
N GLU C 92 19.86 -15.23 51.10
CA GLU C 92 19.14 -14.00 51.41
C GLU C 92 19.12 -13.04 50.22
N ILE C 93 20.24 -12.93 49.51
CA ILE C 93 20.31 -12.02 48.37
C ILE C 93 19.21 -12.31 47.36
N LEU C 94 18.74 -13.54 47.31
CA LEU C 94 17.70 -13.94 46.37
C LEU C 94 16.27 -13.49 46.72
N CYS C 95 15.91 -13.43 48.00
CA CYS C 95 14.54 -13.02 48.40
C CYS C 95 14.20 -11.56 48.01
N LYS C 96 15.20 -10.67 47.96
CA LYS C 96 14.99 -9.31 47.52
C LYS C 96 14.79 -9.25 46.00
N VAL C 97 15.11 -10.37 45.34
CA VAL C 97 14.97 -10.49 43.90
C VAL C 97 13.65 -11.16 43.55
N HIS C 98 13.30 -12.20 44.30
CA HIS C 98 12.05 -12.90 44.07
C HIS C 98 10.84 -12.02 44.32
N THR C 99 10.88 -11.19 45.35
CA THR C 99 9.71 -10.34 45.63
C THR C 99 9.47 -9.20 44.64
N SER C 100 10.47 -8.35 44.51
CA SER C 100 10.37 -7.22 43.59
C SER C 100 9.95 -7.74 42.25
N THR C 101 10.50 -8.89 41.87
CA THR C 101 10.02 -9.43 40.61
C THR C 101 8.52 -9.71 40.73
N ASP C 102 8.06 -10.16 41.89
CA ASP C 102 6.65 -10.45 42.07
C ASP C 102 5.77 -9.19 42.06
N ILE C 103 6.31 -8.03 42.43
CA ILE C 103 5.54 -6.88 42.46
C ILE C 103 5.42 -6.11 41.18
N MET C 104 6.50 -5.93 40.50
CA MET C 104 6.62 -5.20 39.23
C MET C 104 5.70 -5.79 38.17
N LEU C 105 5.74 -7.12 38.00
CA LEU C 105 4.98 -7.73 36.92
C LEU C 105 3.48 -7.68 37.20
N SER C 106 3.07 -7.87 38.45
CA SER C 106 1.66 -7.75 38.78
C SER C 106 1.13 -6.35 38.51
N SER C 107 1.89 -5.33 38.92
CA SER C 107 1.48 -3.95 38.66
C SER C 107 1.44 -3.67 37.16
N ALA C 108 2.40 -4.21 36.40
CA ALA C 108 2.38 -4.01 34.96
C ALA C 108 1.13 -4.61 34.32
N SER C 109 0.74 -5.82 34.76
CA SER C 109 -0.47 -6.43 34.22
C SER C 109 -1.71 -5.60 34.54
N ILE C 110 -1.80 -5.11 35.78
CA ILE C 110 -2.96 -4.31 36.15
C ILE C 110 -3.02 -3.02 35.34
N PHE C 111 -1.86 -2.38 35.13
CA PHE C 111 -1.81 -1.16 34.33
C PHE C 111 -2.22 -1.43 32.88
N HIS C 112 -1.82 -2.59 32.34
CA HIS C 112 -2.24 -2.95 31.00
C HIS C 112 -3.74 -3.11 30.91
N LEU C 113 -4.35 -3.74 31.93
CA LEU C 113 -5.80 -3.85 31.97
C LEU C 113 -6.46 -2.47 31.96
N ALA C 114 -5.94 -1.55 32.78
CA ALA C 114 -6.52 -0.20 32.83
C ALA C 114 -6.40 0.50 31.48
N PHE C 115 -5.26 0.37 30.82
CA PHE C 115 -5.09 1.01 29.51
C PHE C 115 -6.00 0.41 28.45
N ILE C 116 -6.24 -0.91 28.53
CA ILE C 116 -7.20 -1.53 27.61
C ILE C 116 -8.60 -0.94 27.82
N SER C 117 -8.99 -0.78 29.09
CA SER C 117 -10.29 -0.18 29.37
C SER C 117 -10.38 1.25 28.83
N ILE C 118 -9.29 2.02 28.99
CA ILE C 118 -9.28 3.39 28.47
C ILE C 118 -9.42 3.38 26.95
N ASP C 119 -8.75 2.44 26.28
CA ASP C 119 -8.89 2.33 24.83
C ASP C 119 -10.32 2.02 24.43
N ARG C 120 -10.98 1.11 25.15
CA ARG C 120 -12.38 0.80 24.86
C ARG C 120 -13.27 2.02 25.03
N TYR C 121 -13.04 2.79 26.10
CA TYR C 121 -13.82 4.02 26.31
C TYR C 121 -13.62 5.00 25.17
N CYS C 122 -12.37 5.19 24.74
CA CYS C 122 -12.10 6.12 23.65
C CYS C 122 -12.76 5.67 22.36
N ALA C 123 -12.75 4.37 22.09
CA ALA C 123 -13.37 3.86 20.88
C ALA C 123 -14.89 4.04 20.90
N VAL C 124 -15.55 3.74 22.01
CA VAL C 124 -17.03 3.79 22.02
C VAL C 124 -17.64 5.18 22.17
N CYS C 125 -17.06 6.03 23.00
CA CYS C 125 -17.65 7.35 23.26
C CYS C 125 -17.15 8.46 22.34
N ASP C 126 -16.19 8.14 21.47
CA ASP C 126 -15.71 9.15 20.51
C ASP C 126 -15.49 8.47 19.17
N PRO C 127 -16.56 8.25 18.41
CA PRO C 127 -16.43 7.41 17.21
C PRO C 127 -15.76 8.10 16.04
N LEU C 128 -15.81 9.39 15.97
CA LEU C 128 -15.36 10.04 14.76
C LEU C 128 -13.92 10.45 14.84
N ARG C 129 -13.33 10.40 16.02
CA ARG C 129 -11.93 10.76 16.22
C ARG C 129 -11.14 9.61 16.83
N TYR C 130 -11.57 8.37 16.59
CA TYR C 130 -10.93 7.22 17.21
C TYR C 130 -9.57 6.92 16.56
N LYS C 131 -9.58 6.66 15.25
CA LYS C 131 -8.35 6.27 14.56
C LYS C 131 -7.27 7.33 14.66
N ALA C 132 -7.68 8.58 14.81
CA ALA C 132 -6.73 9.67 14.94
C ALA C 132 -6.11 9.68 16.33
N LYS C 133 -6.95 9.62 17.37
CA LYS C 133 -6.46 9.64 18.74
C LYS C 133 -5.65 8.40 19.05
N ILE C 134 -6.28 7.24 19.01
CA ILE C 134 -5.59 6.00 19.35
C ILE C 134 -4.76 5.48 18.17
N ASN C 135 -3.57 6.03 18.00
CA ASN C 135 -2.69 5.58 16.94
C ASN C 135 -1.53 4.79 17.51
N ILE C 136 -0.48 4.60 16.72
CA ILE C 136 0.71 3.88 17.20
C ILE C 136 1.47 4.65 18.26
N SER C 137 1.63 5.95 18.06
CA SER C 137 2.35 6.76 19.04
C SER C 137 1.79 6.56 20.42
N THR C 138 0.50 6.79 20.59
CA THR C 138 -0.12 6.68 21.90
C THR C 138 0.12 5.32 22.52
N ILE C 139 0.01 4.26 21.72
CA ILE C 139 0.17 2.92 22.24
C ILE C 139 1.59 2.68 22.77
N LEU C 140 2.60 3.14 22.04
CA LEU C 140 3.97 2.99 22.49
C LEU C 140 4.18 3.67 23.84
N VAL C 141 3.65 4.88 24.01
CA VAL C 141 3.75 5.59 25.27
C VAL C 141 3.12 4.77 26.40
N MET C 142 1.95 4.18 26.12
CA MET C 142 1.27 3.37 27.12
C MET C 142 2.13 2.19 27.56
N ILE C 143 2.72 1.47 26.60
CA ILE C 143 3.57 0.33 26.93
C ILE C 143 4.80 0.78 27.69
N LEU C 144 5.41 1.92 27.29
CA LEU C 144 6.58 2.41 27.98
C LEU C 144 6.27 2.73 29.44
N VAL C 145 5.16 3.43 29.70
CA VAL C 145 4.80 3.76 31.07
C VAL C 145 4.51 2.50 31.88
N SER C 146 3.73 1.58 31.29
CA SER C 146 3.33 0.37 32.00
C SER C 146 4.53 -0.51 32.31
N TRP C 147 5.58 -0.47 31.49
CA TRP C 147 6.77 -1.25 31.77
C TRP C 147 7.72 -0.52 32.72
N SER C 148 7.72 0.81 32.70
CA SER C 148 8.71 1.55 33.46
C SER C 148 8.29 1.76 34.91
N LEU C 149 7.10 2.32 35.13
CA LEU C 149 6.74 2.77 36.48
C LEU C 149 6.70 1.64 37.51
N PRO C 150 6.04 0.49 37.25
CA PRO C 150 6.08 -0.58 38.26
C PRO C 150 7.48 -1.05 38.60
N ALA C 151 8.37 -1.12 37.62
CA ALA C 151 9.76 -1.49 37.90
C ALA C 151 10.41 -0.48 38.84
N VAL C 152 10.22 0.81 38.58
CA VAL C 152 10.81 1.84 39.44
C VAL C 152 10.30 1.69 40.87
N TYR C 153 9.00 1.53 41.03
CA TYR C 153 8.41 1.39 42.37
C TYR C 153 8.77 0.09 43.09
N ALA C 154 8.95 -1.00 42.35
CA ALA C 154 9.34 -2.28 42.94
C ALA C 154 10.81 -2.28 43.36
N PHE C 155 11.69 -1.80 42.50
CA PHE C 155 13.08 -1.87 42.86
C PHE C 155 13.48 -1.06 44.07
N GLY C 156 13.29 0.26 44.03
CA GLY C 156 13.67 1.07 45.16
C GLY C 156 12.92 0.68 46.42
N MET C 157 11.63 0.43 46.29
CA MET C 157 10.84 0.08 47.46
C MET C 157 11.29 -1.22 48.11
N ILE C 158 11.65 -2.22 47.31
CA ILE C 158 12.07 -3.50 47.89
C ILE C 158 13.55 -3.57 48.20
N PHE C 159 14.35 -2.65 47.69
CA PHE C 159 15.78 -2.69 47.99
C PHE C 159 16.03 -1.81 49.21
N LEU C 160 15.68 -0.54 49.12
CA LEU C 160 15.79 0.33 50.28
C LEU C 160 14.65 -0.19 51.16
N GLU C 161 14.89 -0.39 52.44
CA GLU C 161 13.82 -0.96 53.28
C GLU C 161 12.80 0.04 53.81
N LEU C 162 12.05 0.68 52.89
CA LEU C 162 11.01 1.61 53.28
C LEU C 162 9.88 0.88 54.00
N ASN C 163 9.52 -0.28 53.45
CA ASN C 163 8.47 -1.11 54.01
C ASN C 163 8.76 -1.69 55.39
N LEU C 164 9.99 -2.13 55.60
CA LEU C 164 10.40 -2.75 56.86
C LEU C 164 10.47 -1.78 58.04
N LYS C 165 10.74 -0.52 57.75
CA LYS C 165 10.84 0.53 58.76
C LYS C 165 9.68 0.58 59.74
N GLY C 166 10.01 0.53 61.04
CA GLY C 166 9.06 0.57 62.12
C GLY C 166 8.55 -0.78 62.57
N VAL C 167 8.84 -1.81 61.78
CA VAL C 167 8.45 -3.17 62.12
C VAL C 167 9.64 -4.13 62.08
N GLU C 168 10.86 -3.59 62.19
CA GLU C 168 12.07 -4.42 62.10
C GLU C 168 12.11 -5.49 63.18
N GLU C 169 11.69 -5.13 64.40
CA GLU C 169 11.67 -6.08 65.50
C GLU C 169 10.71 -7.23 65.20
N LEU C 170 9.56 -6.88 64.63
CA LEU C 170 8.54 -7.87 64.27
C LEU C 170 8.89 -8.62 62.98
N TYR C 171 9.45 -7.91 62.01
CA TYR C 171 9.82 -8.53 60.75
C TYR C 171 10.88 -9.60 60.95
N ARG C 172 11.82 -9.31 61.85
CA ARG C 172 12.90 -10.23 62.15
C ARG C 172 12.65 -10.99 63.44
N SER C 173 11.68 -10.58 64.24
CA SER C 173 11.47 -11.28 65.51
C SER C 173 10.97 -12.65 65.21
N GLN C 174 9.97 -12.78 64.36
CA GLN C 174 9.40 -14.10 64.15
C GLN C 174 9.66 -14.64 62.75
N VAL C 175 9.16 -13.93 61.75
CA VAL C 175 9.28 -14.42 60.38
C VAL C 175 10.71 -14.68 59.98
N SER C 176 11.60 -13.70 60.08
CA SER C 176 13.01 -13.85 59.61
C SER C 176 13.80 -14.93 60.31
N ASP C 177 13.53 -15.15 61.58
CA ASP C 177 14.19 -16.19 62.37
C ASP C 177 14.06 -17.55 61.71
N LEU C 178 12.82 -18.01 61.61
CA LEU C 178 12.49 -19.25 60.94
C LEU C 178 12.66 -19.03 59.45
N GLY C 179 13.15 -20.02 58.71
CA GLY C 179 13.35 -19.78 57.29
C GLY C 179 12.02 -19.42 56.64
N GLY C 180 12.03 -18.27 55.99
CA GLY C 180 10.85 -17.74 55.34
C GLY C 180 11.22 -16.68 54.32
N CYS C 181 10.26 -16.36 53.48
CA CYS C 181 10.45 -15.35 52.45
C CYS C 181 9.04 -14.77 52.22
N SER C 182 8.49 -14.14 53.25
CA SER C 182 7.15 -13.58 53.24
C SER C 182 7.22 -12.07 53.25
N PRO C 183 6.57 -11.43 52.27
CA PRO C 183 6.61 -9.96 52.18
C PRO C 183 5.97 -9.33 53.41
N PHE C 184 6.51 -8.19 53.82
CA PHE C 184 6.07 -7.50 55.02
C PHE C 184 5.87 -6.02 54.71
N PHE C 185 4.74 -5.46 55.15
CA PHE C 185 4.41 -4.07 54.91
C PHE C 185 4.07 -3.39 56.23
N SER C 186 4.46 -2.13 56.35
CA SER C 186 4.17 -1.33 57.54
C SER C 186 2.78 -0.72 57.40
N LYS C 187 2.48 0.26 58.24
CA LYS C 187 1.15 0.86 58.22
C LYS C 187 1.11 2.08 57.38
N VAL C 188 2.22 2.48 56.85
CA VAL C 188 2.26 3.59 55.91
C VAL C 188 2.67 3.16 54.51
N SER C 189 3.36 2.03 54.36
CA SER C 189 3.72 1.53 53.03
C SER C 189 2.67 0.60 52.46
N GLY C 190 1.99 -0.17 53.31
CA GLY C 190 0.94 -1.05 52.82
C GLY C 190 -0.22 -0.29 52.20
N VAL C 191 -0.61 0.82 52.82
CA VAL C 191 -1.70 1.62 52.27
C VAL C 191 -1.30 2.25 50.94
N LEU C 192 -0.04 2.72 50.84
CA LEU C 192 0.42 3.29 49.58
C LEU C 192 0.48 2.24 48.47
N ALA C 193 0.94 1.03 48.80
CA ALA C 193 0.95 -0.05 47.82
C ALA C 193 -0.48 -0.39 47.39
N PHE C 194 -1.38 -0.44 48.37
CA PHE C 194 -2.80 -0.75 48.12
C PHE C 194 -3.38 0.25 47.13
N MET C 195 -3.18 1.54 47.41
CA MET C 195 -3.57 2.61 46.50
C MET C 195 -3.01 2.55 45.08
N THR C 196 -1.69 2.58 44.99
CA THR C 196 -0.95 2.48 43.72
C THR C 196 -1.21 1.25 42.85
N SER C 197 -1.50 0.12 43.47
CA SER C 197 -1.66 -1.10 42.70
C SER C 197 -3.11 -1.60 42.59
N PHE C 198 -4.07 -0.98 43.29
CA PHE C 198 -5.43 -1.45 43.11
C PHE C 198 -6.45 -0.34 42.90
N TYR C 199 -6.29 0.80 43.58
CA TYR C 199 -7.38 1.76 43.66
C TYR C 199 -7.59 2.51 42.36
N ILE C 200 -6.50 2.93 41.72
CA ILE C 200 -6.59 3.78 40.53
C ILE C 200 -7.06 2.98 39.31
N PRO C 201 -6.39 1.89 38.91
CA PRO C 201 -6.87 1.15 37.74
C PRO C 201 -8.27 0.60 37.92
N GLY C 202 -8.60 0.13 39.12
CA GLY C 202 -9.94 -0.39 39.35
C GLY C 202 -11.01 0.67 39.22
N SER C 203 -10.77 1.85 39.79
CA SER C 203 -11.73 2.94 39.66
C SER C 203 -11.86 3.38 38.21
N VAL C 204 -10.75 3.45 37.48
CA VAL C 204 -10.81 3.83 36.08
C VAL C 204 -11.66 2.84 35.29
N MET C 205 -11.41 1.55 35.49
CA MET C 205 -12.19 0.52 34.79
C MET C 205 -13.66 0.60 35.16
N LEU C 206 -13.96 0.77 36.45
CA LEU C 206 -15.35 0.83 36.89
C LEU C 206 -16.07 2.02 36.25
N PHE C 207 -15.46 3.20 36.28
CA PHE C 207 -16.09 4.38 35.70
C PHE C 207 -16.29 4.21 34.19
N VAL C 208 -15.27 3.71 33.50
CA VAL C 208 -15.35 3.53 32.05
C VAL C 208 -16.49 2.58 31.69
N TYR C 209 -16.53 1.42 32.35
CA TYR C 209 -17.54 0.43 31.99
C TYR C 209 -18.93 0.80 32.45
N TYR C 210 -19.07 1.53 33.56
CA TYR C 210 -20.38 2.04 33.96
C TYR C 210 -20.89 3.06 32.96
N ARG C 211 -20.04 3.94 32.45
CA ARG C 211 -20.48 4.87 31.42
C ARG C 211 -20.85 4.14 30.14
N ILE C 212 -20.05 3.15 29.75
CA ILE C 212 -20.30 2.44 28.50
C ILE C 212 -21.59 1.63 28.56
N TYR C 213 -21.92 1.07 29.74
CA TYR C 213 -23.10 0.22 29.86
C TYR C 213 -24.38 1.00 29.54
N PHE C 214 -24.49 2.23 30.05
CA PHE C 214 -25.69 3.03 29.80
C PHE C 214 -25.84 3.35 28.33
N ILE C 215 -24.74 3.73 27.67
CA ILE C 215 -24.79 4.04 26.24
C ILE C 215 -25.19 2.82 25.44
N ALA C 216 -24.60 1.67 25.75
CA ALA C 216 -24.93 0.45 25.01
C ALA C 216 -26.40 0.06 25.22
N LYS C 217 -26.89 0.15 26.45
CA LYS C 217 -28.28 -0.18 26.73
C LYS C 217 -29.23 0.78 26.01
N GLY C 218 -28.99 2.07 26.22
CA GLY C 218 -29.84 3.14 25.68
C GLY C 218 -29.93 3.23 24.17
N GLN C 219 -29.22 2.37 23.46
CA GLN C 219 -29.27 2.35 22.00
C GLN C 219 -29.87 1.02 21.54
N ALA C 220 -29.83 0.02 22.42
CA ALA C 220 -30.39 -1.27 22.10
C ALA C 220 -31.90 -1.14 21.88
N ARG C 221 -32.56 -0.35 22.73
CA ARG C 221 -33.99 -0.10 22.62
C ARG C 221 -34.30 0.60 21.29
N SER C 222 -33.44 1.55 20.94
CA SER C 222 -33.55 2.31 19.70
C SER C 222 -33.40 1.43 18.47
N ILE C 223 -32.54 0.40 18.57
CA ILE C 223 -32.24 -0.55 17.48
C ILE C 223 -31.79 0.19 16.23
N ALA C 247 -23.48 -5.23 27.31
CA ALA C 247 -24.19 -5.05 28.57
C ALA C 247 -23.93 -6.22 29.52
N LYS C 248 -23.26 -7.25 29.01
CA LYS C 248 -22.93 -8.41 29.83
C LYS C 248 -21.43 -8.76 29.75
N THR C 249 -20.81 -8.58 28.57
CA THR C 249 -19.37 -8.84 28.50
C THR C 249 -18.62 -7.95 29.48
N LEU C 250 -19.01 -6.68 29.57
CA LEU C 250 -18.38 -5.77 30.52
C LEU C 250 -18.61 -6.22 31.95
N GLY C 251 -19.82 -6.72 32.25
CA GLY C 251 -20.08 -7.23 33.58
C GLY C 251 -19.23 -8.44 33.91
N ILE C 252 -19.06 -9.40 33.00
CA ILE C 252 -18.15 -10.48 33.23
C ILE C 252 -16.82 -9.91 33.54
N MET C 253 -16.29 -9.13 32.62
CA MET C 253 -14.92 -8.67 32.78
C MET C 253 -14.70 -8.01 34.14
N VAL C 254 -15.64 -7.15 34.54
CA VAL C 254 -15.53 -6.48 35.84
C VAL C 254 -15.54 -7.50 36.98
N GLY C 255 -16.46 -8.47 36.91
CA GLY C 255 -16.52 -9.48 37.95
C GLY C 255 -15.27 -10.32 38.03
N VAL C 256 -14.72 -10.75 36.91
CA VAL C 256 -13.51 -11.56 36.96
C VAL C 256 -12.42 -10.75 37.58
N PHE C 257 -12.24 -9.52 37.13
CA PHE C 257 -11.16 -8.74 37.73
C PHE C 257 -11.37 -8.57 39.24
N LEU C 258 -12.60 -8.24 39.64
CA LEU C 258 -12.84 -7.81 41.01
C LEU C 258 -12.76 -8.98 41.99
N VAL C 259 -13.47 -10.07 41.71
CA VAL C 259 -13.48 -11.18 42.66
C VAL C 259 -12.09 -11.81 42.75
N CYS C 260 -11.24 -11.60 41.74
CA CYS C 260 -9.91 -12.18 41.74
C CYS C 260 -8.87 -11.27 42.38
N TRP C 261 -9.02 -9.96 42.49
CA TRP C 261 -7.88 -9.31 43.19
C TRP C 261 -8.35 -8.64 44.47
N CYS C 262 -9.63 -8.42 44.70
CA CYS C 262 -9.95 -7.66 45.90
C CYS C 262 -9.60 -8.30 47.24
N PRO C 263 -9.80 -9.62 47.44
CA PRO C 263 -9.51 -10.13 48.80
C PRO C 263 -8.06 -10.05 49.21
N PHE C 264 -7.12 -10.30 48.28
CA PHE C 264 -5.71 -10.25 48.62
C PHE C 264 -5.31 -8.84 49.07
N PHE C 265 -5.69 -7.83 48.29
CA PHE C 265 -5.36 -6.45 48.63
C PHE C 265 -6.07 -6.01 49.91
N LEU C 266 -7.26 -6.54 50.13
CA LEU C 266 -8.00 -6.12 51.31
C LEU C 266 -7.33 -6.65 52.53
N CYS C 267 -6.98 -7.92 52.50
CA CYS C 267 -6.27 -8.49 53.62
C CYS C 267 -4.91 -7.84 53.83
N THR C 268 -4.21 -7.51 52.75
CA THR C 268 -2.91 -6.86 52.88
C THR C 268 -3.04 -5.51 53.56
N VAL C 269 -4.08 -4.75 53.23
CA VAL C 269 -4.25 -3.43 53.83
C VAL C 269 -4.88 -3.51 55.23
N LEU C 270 -5.58 -4.60 55.55
CA LEU C 270 -6.21 -4.70 56.86
C LEU C 270 -5.35 -5.38 57.92
N ASP C 271 -4.39 -6.23 57.52
CA ASP C 271 -3.62 -6.97 58.50
C ASP C 271 -2.79 -6.08 59.44
N PRO C 272 -2.06 -5.07 58.97
CA PRO C 272 -1.28 -4.25 59.91
C PRO C 272 -2.14 -3.57 60.98
N PHE C 273 -3.34 -3.11 60.61
CA PHE C 273 -4.20 -2.44 61.58
C PHE C 273 -4.72 -3.43 62.62
N LEU C 274 -5.10 -4.64 62.18
CA LEU C 274 -5.62 -5.63 63.11
C LEU C 274 -4.51 -6.15 64.04
N GLY C 275 -3.30 -6.32 63.53
CA GLY C 275 -2.21 -6.83 64.34
C GLY C 275 -1.66 -8.16 63.86
N TYR C 276 -1.69 -8.39 62.55
CA TYR C 276 -1.12 -9.57 61.92
C TYR C 276 -1.76 -10.87 62.46
N VAL C 277 -3.05 -11.01 62.21
CA VAL C 277 -3.82 -12.18 62.62
C VAL C 277 -4.25 -13.03 61.43
N ILE C 278 -3.66 -12.80 60.26
CA ILE C 278 -4.04 -13.60 59.11
C ILE C 278 -3.11 -14.79 58.96
N PRO C 279 -3.68 -16.00 58.93
CA PRO C 279 -2.87 -17.22 58.84
C PRO C 279 -2.02 -17.23 57.59
N PRO C 280 -0.79 -17.75 57.70
CA PRO C 280 0.16 -17.85 56.59
C PRO C 280 -0.42 -18.69 55.46
N SER C 281 -1.09 -19.75 55.83
CA SER C 281 -1.63 -20.62 54.83
C SER C 281 -2.65 -19.86 54.06
N LEU C 282 -3.56 -19.26 54.79
CA LEU C 282 -4.63 -18.52 54.14
C LEU C 282 -4.05 -17.48 53.20
N ASN C 283 -3.05 -16.77 53.68
CA ASN C 283 -2.42 -15.74 52.86
C ASN C 283 -1.90 -16.32 51.56
N ASP C 284 -1.20 -17.45 51.64
CA ASP C 284 -0.67 -18.06 50.45
C ASP C 284 -1.80 -18.31 49.49
N ALA C 285 -2.93 -18.71 50.02
CA ALA C 285 -4.00 -18.96 49.12
C ALA C 285 -4.22 -17.67 48.39
N LEU C 286 -4.41 -16.63 49.15
CA LEU C 286 -4.74 -15.35 48.53
C LEU C 286 -3.75 -15.00 47.43
N TYR C 287 -2.45 -15.24 47.66
CA TYR C 287 -1.45 -15.03 46.61
C TYR C 287 -1.76 -15.88 45.38
N TRP C 288 -2.12 -17.15 45.59
CA TRP C 288 -2.40 -18.01 44.44
C TRP C 288 -3.70 -17.63 43.74
N PHE C 289 -4.58 -17.06 44.54
CA PHE C 289 -5.91 -16.54 44.18
C PHE C 289 -5.84 -15.19 43.45
N GLY C 290 -4.72 -14.55 43.53
CA GLY C 290 -4.30 -13.40 42.73
C GLY C 290 -3.55 -13.81 41.47
N TYR C 291 -2.67 -14.80 41.59
CA TYR C 291 -1.97 -15.34 40.43
C TYR C 291 -2.92 -15.96 39.41
N LEU C 292 -4.05 -16.50 39.88
CA LEU C 292 -5.03 -17.10 38.97
C LEU C 292 -5.52 -16.09 37.93
N ASN C 293 -5.45 -14.79 38.25
CA ASN C 293 -5.78 -13.77 37.28
C ASN C 293 -4.86 -13.84 36.07
N SER C 294 -3.62 -14.30 36.21
CA SER C 294 -2.70 -14.29 35.07
C SER C 294 -3.11 -15.39 34.17
N ALA C 295 -3.62 -16.48 34.74
CA ALA C 295 -4.11 -17.55 33.88
C ALA C 295 -5.40 -17.17 33.18
N LEU C 296 -6.31 -16.39 33.77
CA LEU C 296 -7.58 -16.10 33.07
C LEU C 296 -7.62 -14.85 32.14
N ASN C 297 -6.69 -13.93 32.25
CA ASN C 297 -6.62 -12.68 31.46
C ASN C 297 -6.36 -12.79 29.97
N PRO C 298 -5.52 -13.71 29.53
CA PRO C 298 -5.28 -13.98 28.12
C PRO C 298 -6.50 -14.48 27.44
N MET C 299 -7.32 -15.25 28.15
CA MET C 299 -8.50 -15.89 27.59
C MET C 299 -9.69 -14.99 27.41
N VAL C 300 -9.94 -14.10 28.36
CA VAL C 300 -11.10 -13.23 28.23
C VAL C 300 -10.88 -12.20 27.12
N TYR C 301 -9.67 -11.67 27.01
CA TYR C 301 -9.37 -10.61 26.07
C TYR C 301 -8.92 -11.11 24.70
N ALA C 302 -8.73 -12.42 24.53
CA ALA C 302 -8.42 -12.94 23.20
C ALA C 302 -9.52 -13.84 22.64
N PHE C 303 -9.92 -14.89 23.36
CA PHE C 303 -10.80 -15.89 22.77
C PHE C 303 -12.24 -15.42 22.63
N PHE C 304 -12.67 -14.48 23.48
CA PHE C 304 -14.08 -14.09 23.49
C PHE C 304 -14.49 -13.43 22.19
N TYR C 305 -13.64 -12.59 21.62
CA TYR C 305 -14.00 -11.82 20.45
C TYR C 305 -14.04 -12.69 19.19
N PRO C 306 -15.07 -12.54 18.35
CA PRO C 306 -15.17 -13.38 17.15
C PRO C 306 -14.03 -13.21 16.18
N TRP C 307 -13.50 -12.00 16.06
CA TRP C 307 -12.43 -11.73 15.10
C TRP C 307 -11.16 -12.46 15.50
N PHE C 308 -11.10 -12.88 16.74
CA PHE C 308 -9.97 -13.67 17.16
C PHE C 308 -10.62 -14.97 17.48
N ARG C 309 -10.71 -15.78 16.44
CA ARG C 309 -11.14 -17.19 16.47
C ARG C 309 -10.15 -17.82 15.50
N ARG C 310 -10.03 -17.18 14.35
CA ARG C 310 -8.96 -17.57 13.41
C ARG C 310 -7.66 -18.01 14.07
N VAL D 39 18.96 24.34 -15.61
CA VAL D 39 19.76 23.88 -14.48
C VAL D 39 21.11 24.58 -14.47
N GLN D 40 21.31 25.37 -13.41
CA GLN D 40 22.56 26.09 -13.25
C GLN D 40 22.88 26.28 -11.77
N LEU D 41 24.13 26.14 -11.40
CA LEU D 41 24.56 26.32 -10.01
C LEU D 41 25.58 27.46 -9.94
N VAL D 42 25.54 28.19 -8.83
CA VAL D 42 26.40 29.36 -8.63
C VAL D 42 27.17 29.16 -7.33
N GLU D 43 28.48 29.39 -7.38
CA GLU D 43 29.34 29.31 -6.22
C GLU D 43 29.79 30.71 -5.81
N SER D 44 29.93 30.92 -4.50
CA SER D 44 30.30 32.22 -3.96
C SER D 44 31.37 32.04 -2.90
N GLY D 45 32.13 33.12 -2.67
CA GLY D 45 33.20 33.09 -1.71
C GLY D 45 34.55 33.42 -2.31
N GLY D 46 35.51 32.50 -2.19
CA GLY D 46 36.82 32.70 -2.79
C GLY D 46 37.64 33.74 -2.05
N GLY D 47 38.58 34.33 -2.80
CA GLY D 47 39.45 35.35 -2.25
C GLY D 47 40.76 34.79 -1.71
N LEU D 48 41.60 35.70 -1.24
CA LEU D 48 42.89 35.36 -0.66
C LEU D 48 42.80 35.51 0.86
N VAL D 49 43.20 34.46 1.57
CA VAL D 49 43.09 34.39 3.02
C VAL D 49 44.47 34.20 3.61
N GLN D 50 44.80 35.00 4.62
CA GLN D 50 46.06 34.85 5.33
C GLN D 50 46.06 33.54 6.12
N PRO D 51 47.24 32.96 6.38
CA PRO D 51 47.29 31.72 7.14
C PRO D 51 46.70 31.89 8.53
N GLY D 52 46.05 30.84 9.01
CA GLY D 52 45.37 30.86 10.29
C GLY D 52 43.97 31.44 10.27
N GLY D 53 43.47 31.87 9.11
CA GLY D 53 42.15 32.43 9.00
C GLY D 53 41.09 31.37 8.81
N SER D 54 39.86 31.83 8.58
CA SER D 54 38.72 30.96 8.35
C SER D 54 37.82 31.59 7.30
N ARG D 55 37.29 30.75 6.40
CA ARG D 55 36.43 31.21 5.33
C ARG D 55 35.23 30.28 5.21
N LYS D 56 34.13 30.83 4.69
CA LYS D 56 32.88 30.10 4.50
C LYS D 56 32.56 30.06 3.02
N LEU D 57 32.92 28.97 2.36
CA LEU D 57 32.66 28.78 0.95
C LEU D 57 31.27 28.16 0.75
N SER D 58 30.61 28.56 -0.33
CA SER D 58 29.23 28.15 -0.56
C SER D 58 28.98 27.86 -2.04
N CYS D 59 28.04 26.97 -2.29
CA CYS D 59 27.49 26.69 -3.62
C CYS D 59 25.96 26.83 -3.55
N SER D 60 25.40 27.54 -4.51
CA SER D 60 23.97 27.81 -4.55
C SER D 60 23.34 27.13 -5.76
N ALA D 61 22.26 26.40 -5.54
CA ALA D 61 21.57 25.65 -6.58
C ALA D 61 20.28 26.35 -6.98
N SER D 62 19.90 26.17 -8.24
CA SER D 62 18.68 26.76 -8.77
C SER D 62 18.32 26.06 -10.08
N GLY D 63 17.02 25.85 -10.28
CA GLY D 63 16.51 25.27 -11.51
C GLY D 63 16.16 23.80 -11.45
N PHE D 64 16.30 23.15 -10.31
CA PHE D 64 15.96 21.74 -10.18
C PHE D 64 15.59 21.44 -8.73
N ALA D 65 15.30 20.17 -8.45
CA ALA D 65 14.91 19.73 -7.12
C ALA D 65 16.16 19.43 -6.31
N PHE D 66 16.75 20.50 -5.75
CA PHE D 66 18.02 20.38 -5.05
C PHE D 66 17.90 19.47 -3.82
N SER D 67 16.71 19.36 -3.25
CA SER D 67 16.51 18.57 -2.04
C SER D 67 16.48 17.07 -2.29
N SER D 68 16.83 16.62 -3.50
CA SER D 68 16.87 15.20 -3.81
C SER D 68 18.23 14.74 -4.34
N PHE D 69 19.24 15.61 -4.36
CA PHE D 69 20.55 15.28 -4.89
C PHE D 69 21.58 15.34 -3.77
N GLY D 70 22.42 14.31 -3.70
CA GLY D 70 23.59 14.38 -2.84
C GLY D 70 24.59 15.39 -3.36
N MET D 71 25.37 15.96 -2.45
CA MET D 71 26.30 17.02 -2.78
C MET D 71 27.72 16.63 -2.39
N HIS D 72 28.68 16.97 -3.25
CA HIS D 72 30.08 16.72 -3.00
C HIS D 72 30.87 18.02 -3.17
N TRP D 73 32.09 18.00 -2.66
CA TRP D 73 33.09 19.04 -2.93
C TRP D 73 34.34 18.36 -3.46
N VAL D 74 34.88 18.88 -4.56
CA VAL D 74 36.03 18.28 -5.22
C VAL D 74 37.09 19.34 -5.43
N ARG D 75 38.31 19.06 -4.97
CA ARG D 75 39.44 19.97 -5.09
C ARG D 75 40.23 19.67 -6.36
N GLN D 76 41.01 20.67 -6.80
CA GLN D 76 41.87 20.50 -7.97
C GLN D 76 43.01 21.51 -7.89
N ALA D 77 44.23 21.03 -7.67
CA ALA D 77 45.38 21.91 -7.65
C ALA D 77 45.64 22.47 -9.05
N PRO D 78 46.23 23.67 -9.15
CA PRO D 78 46.50 24.24 -10.47
C PRO D 78 47.39 23.39 -11.35
N GLU D 79 48.31 22.62 -10.77
CA GLU D 79 49.23 21.79 -11.55
C GLU D 79 49.05 20.30 -11.28
N LYS D 80 47.94 19.90 -10.66
CA LYS D 80 47.67 18.50 -10.36
C LYS D 80 46.24 18.15 -10.77
N GLY D 81 45.86 16.90 -10.53
CA GLY D 81 44.54 16.42 -10.85
C GLY D 81 43.53 16.75 -9.77
N LEU D 82 42.34 16.20 -9.93
CA LEU D 82 41.25 16.46 -9.01
C LEU D 82 41.44 15.67 -7.72
N GLU D 83 40.71 16.08 -6.67
CA GLU D 83 40.75 15.41 -5.39
C GLU D 83 39.44 15.68 -4.65
N TRP D 84 38.86 14.63 -4.08
CA TRP D 84 37.57 14.74 -3.42
C TRP D 84 37.74 15.26 -2.00
N VAL D 85 36.79 16.10 -1.56
CA VAL D 85 36.90 16.79 -0.29
C VAL D 85 35.99 16.17 0.76
N ALA D 86 34.69 16.17 0.50
CA ALA D 86 33.72 15.67 1.47
C ALA D 86 32.47 15.20 0.73
N TYR D 87 31.40 14.94 1.48
CA TYR D 87 30.16 14.43 0.90
C TYR D 87 29.01 14.54 1.89
N ILE D 88 27.87 15.07 1.44
CA ILE D 88 26.64 15.11 2.23
C ILE D 88 25.53 14.47 1.41
N SER D 89 24.65 13.76 2.09
CA SER D 89 23.56 13.05 1.43
C SER D 89 22.33 13.94 1.34
N SER D 90 21.28 13.43 0.69
CA SER D 90 20.07 14.22 0.47
C SER D 90 19.32 14.48 1.77
N GLY D 91 19.27 13.48 2.65
CA GLY D 91 18.56 13.59 3.91
C GLY D 91 19.36 14.10 5.09
N SER D 92 20.62 14.48 4.88
CA SER D 92 21.50 15.00 5.93
C SER D 92 21.75 13.98 7.04
N GLY D 93 21.54 12.69 6.76
CA GLY D 93 21.77 11.67 7.75
C GLY D 93 23.13 11.02 7.66
N THR D 94 23.85 11.27 6.57
CA THR D 94 25.15 10.67 6.34
C THR D 94 26.13 11.74 5.90
N ILE D 95 27.34 11.70 6.45
CA ILE D 95 28.37 12.71 6.18
C ILE D 95 29.73 12.02 6.17
N TYR D 96 30.52 12.27 5.14
CA TYR D 96 31.88 11.77 5.03
C TYR D 96 32.86 12.94 4.92
N TYR D 97 34.11 12.67 5.27
CA TYR D 97 35.19 13.63 5.10
C TYR D 97 36.42 12.93 4.56
N ALA D 98 37.25 13.68 3.83
CA ALA D 98 38.51 13.15 3.36
C ALA D 98 39.46 12.92 4.53
N ASP D 99 40.31 11.91 4.41
CA ASP D 99 41.25 11.59 5.48
C ASP D 99 42.27 12.70 5.69
N THR D 100 42.54 13.52 4.68
CA THR D 100 43.50 14.61 4.83
C THR D 100 43.00 15.64 5.84
N VAL D 101 41.75 16.08 5.69
CA VAL D 101 41.16 17.06 6.59
C VAL D 101 39.78 16.54 7.02
N LYS D 102 39.61 16.32 8.32
CA LYS D 102 38.34 15.82 8.84
C LYS D 102 37.84 16.69 9.99
N GLY D 103 38.76 17.27 10.76
CA GLY D 103 38.38 18.11 11.87
C GLY D 103 38.45 19.59 11.55
N ARG D 104 39.01 19.91 10.38
CA ARG D 104 39.16 21.30 9.96
C ARG D 104 37.95 21.79 9.18
N PHE D 105 37.46 21.01 8.22
CA PHE D 105 36.35 21.41 7.39
C PHE D 105 35.02 20.95 8.00
N THR D 106 33.93 21.55 7.52
CA THR D 106 32.59 21.20 7.97
C THR D 106 31.60 21.54 6.87
N ILE D 107 30.64 20.64 6.65
CA ILE D 107 29.65 20.79 5.59
C ILE D 107 28.28 21.03 6.19
N SER D 108 27.43 21.71 5.43
CA SER D 108 26.04 21.93 5.83
C SER D 108 25.22 22.22 4.58
N ARG D 109 23.91 22.00 4.70
CA ARG D 109 22.99 22.26 3.59
C ARG D 109 21.73 22.92 4.12
N ASP D 110 21.05 23.65 3.23
CA ASP D 110 19.78 24.30 3.55
C ASP D 110 18.81 24.03 2.42
N ASP D 111 17.75 23.27 2.71
CA ASP D 111 16.77 22.87 1.71
C ASP D 111 15.78 23.98 1.35
N PRO D 112 15.23 24.72 2.32
CA PRO D 112 14.28 25.80 1.94
C PRO D 112 14.89 26.88 1.07
N LYS D 113 16.21 27.07 1.10
CA LYS D 113 16.85 28.08 0.29
C LYS D 113 17.76 27.53 -0.79
N ASN D 114 18.02 26.22 -0.79
CA ASN D 114 18.89 25.56 -1.77
C ASN D 114 20.29 26.19 -1.77
N THR D 115 20.95 26.09 -0.62
CA THR D 115 22.30 26.61 -0.44
C THR D 115 23.15 25.57 0.26
N LEU D 116 24.33 25.32 -0.29
CA LEU D 116 25.28 24.38 0.29
C LEU D 116 26.51 25.14 0.77
N PHE D 117 27.01 24.76 1.95
CA PHE D 117 28.09 25.49 2.61
C PHE D 117 29.24 24.57 2.94
N LEU D 118 30.45 25.11 2.85
CA LEU D 118 31.66 24.47 3.34
C LEU D 118 32.37 25.42 4.30
N GLN D 119 32.60 24.96 5.53
CA GLN D 119 33.22 25.78 6.56
C GLN D 119 34.66 25.31 6.76
N MET D 120 35.61 26.23 6.57
CA MET D 120 37.03 25.93 6.68
C MET D 120 37.64 26.78 7.78
N THR D 121 38.46 26.16 8.62
CA THR D 121 39.14 26.85 9.72
C THR D 121 40.61 26.47 9.72
N SER D 122 41.43 27.41 10.20
CA SER D 122 42.88 27.24 10.28
C SER D 122 43.46 26.84 8.91
N LEU D 123 43.29 27.75 7.95
CA LEU D 123 43.74 27.50 6.58
C LEU D 123 45.25 27.30 6.52
N ARG D 124 45.67 26.08 6.15
CA ARG D 124 47.08 25.74 6.08
C ARG D 124 47.66 26.25 4.76
N SER D 125 48.88 25.82 4.45
CA SER D 125 49.55 26.20 3.21
C SER D 125 49.21 25.27 2.05
N GLU D 126 48.19 24.42 2.21
CA GLU D 126 47.79 23.48 1.18
C GLU D 126 46.50 23.84 0.48
N ASP D 127 45.57 24.50 1.19
CA ASP D 127 44.29 24.86 0.60
C ASP D 127 44.44 26.03 -0.37
N THR D 128 45.11 25.79 -1.50
CA THR D 128 45.36 26.81 -2.51
C THR D 128 44.89 26.32 -3.88
N ALA D 129 43.81 25.57 -3.90
CA ALA D 129 43.31 24.94 -5.12
C ALA D 129 41.88 25.41 -5.42
N MET D 130 41.28 24.81 -6.44
CA MET D 130 39.94 25.17 -6.89
C MET D 130 38.94 24.14 -6.39
N TYR D 131 37.80 24.61 -5.88
CA TYR D 131 36.78 23.76 -5.30
C TYR D 131 35.52 23.80 -6.16
N TYR D 132 34.95 22.62 -6.42
CA TYR D 132 33.75 22.49 -7.23
C TYR D 132 32.64 21.83 -6.44
N CYS D 133 31.40 22.21 -6.72
CA CYS D 133 30.21 21.59 -6.16
C CYS D 133 29.53 20.76 -7.22
N VAL D 134 29.29 19.48 -6.91
CA VAL D 134 28.88 18.48 -7.88
C VAL D 134 27.58 17.83 -7.40
N ARG D 135 26.63 17.67 -8.33
CA ARG D 135 25.40 16.96 -8.02
C ARG D 135 25.63 15.44 -8.07
N SER D 136 24.71 14.71 -7.45
CA SER D 136 24.71 13.25 -7.49
C SER D 136 23.39 12.75 -6.94
N ILE D 137 22.80 11.76 -7.61
CA ILE D 137 21.57 11.13 -7.15
C ILE D 137 21.73 9.62 -7.32
N TYR D 138 21.30 8.87 -6.32
CA TYR D 138 21.59 7.43 -6.25
C TYR D 138 20.28 6.63 -6.22
N TYR D 139 19.97 5.99 -7.34
CA TYR D 139 18.96 4.93 -7.40
C TYR D 139 19.34 4.03 -8.55
N TYR D 140 18.59 2.94 -8.70
CA TYR D 140 18.90 1.97 -9.74
C TYR D 140 18.83 2.61 -11.12
N GLY D 141 19.90 2.45 -11.90
CA GLY D 141 19.96 2.99 -13.24
C GLY D 141 20.35 4.45 -13.33
N SER D 142 20.66 5.10 -12.21
CA SER D 142 20.97 6.52 -12.21
C SER D 142 22.38 6.77 -12.75
N SER D 143 22.69 8.04 -12.98
CA SER D 143 23.98 8.47 -13.52
C SER D 143 24.56 9.54 -12.60
N PRO D 144 25.27 9.15 -11.55
CA PRO D 144 25.84 10.13 -10.63
C PRO D 144 26.93 10.96 -11.29
N PHE D 145 27.24 12.10 -10.65
CA PHE D 145 28.30 13.00 -11.08
C PHE D 145 28.03 13.56 -12.48
N ASP D 146 26.82 14.07 -12.68
CA ASP D 146 26.38 14.49 -14.00
C ASP D 146 26.61 15.98 -14.25
N PHE D 147 26.16 16.85 -13.35
CA PHE D 147 26.26 18.29 -13.54
C PHE D 147 27.22 18.89 -12.53
N TRP D 148 28.22 19.61 -13.03
CA TRP D 148 29.20 20.30 -12.21
C TRP D 148 28.95 21.80 -12.26
N GLY D 149 29.42 22.50 -11.23
CA GLY D 149 29.29 23.93 -11.19
C GLY D 149 30.32 24.64 -12.03
N GLN D 150 30.85 25.75 -11.53
CA GLN D 150 31.91 26.48 -12.22
C GLN D 150 33.16 26.67 -11.38
N GLY D 151 33.07 26.46 -10.06
CA GLY D 151 34.24 26.51 -9.20
C GLY D 151 34.57 27.90 -8.70
N THR D 152 35.65 27.96 -7.93
CA THR D 152 36.15 29.21 -7.38
C THR D 152 37.64 29.06 -7.13
N THR D 153 38.29 30.16 -6.78
CA THR D 153 39.72 30.19 -6.52
C THR D 153 39.97 30.61 -5.08
N LEU D 154 41.10 30.17 -4.54
CA LEU D 154 41.47 30.46 -3.16
C LEU D 154 42.99 30.42 -3.05
N THR D 155 43.61 31.58 -2.92
CA THR D 155 45.06 31.68 -2.78
C THR D 155 45.43 31.88 -1.30
N VAL D 156 46.45 31.15 -0.85
CA VAL D 156 46.94 31.24 0.51
C VAL D 156 48.38 31.72 0.47
N SER D 157 48.67 32.81 1.16
CA SER D 157 50.01 33.37 1.20
C SER D 157 50.92 32.53 2.08
N ALA D 158 52.22 32.58 1.78
CA ALA D 158 53.22 31.83 2.54
C ALA D 158 53.79 32.68 3.67
N SER D 173 46.85 6.07 2.09
CA SER D 173 47.11 5.04 3.10
C SER D 173 46.63 3.67 2.62
N ALA D 174 45.51 3.21 3.17
CA ALA D 174 44.93 1.93 2.80
C ALA D 174 43.93 2.04 1.68
N ASP D 175 43.77 3.22 1.09
CA ASP D 175 42.80 3.42 0.01
C ASP D 175 43.35 2.87 -1.30
N ILE D 176 42.43 2.67 -2.25
CA ILE D 176 42.81 2.13 -3.56
C ILE D 176 43.62 3.17 -4.32
N VAL D 177 44.76 2.74 -4.86
CA VAL D 177 45.63 3.61 -5.63
C VAL D 177 45.25 3.50 -7.11
N MET D 178 44.87 4.63 -7.70
CA MET D 178 44.44 4.68 -9.09
C MET D 178 45.48 5.46 -9.89
N THR D 179 46.02 4.84 -10.93
CA THR D 179 47.08 5.43 -11.74
C THR D 179 46.74 5.30 -13.22
N GLN D 180 47.23 6.25 -14.00
CA GLN D 180 47.09 6.23 -15.45
C GLN D 180 48.46 6.02 -16.09
N ALA D 181 48.48 5.27 -17.20
CA ALA D 181 49.74 4.82 -17.77
C ALA D 181 50.61 5.99 -18.23
N THR D 182 50.02 6.96 -18.91
CA THR D 182 50.80 8.06 -19.48
C THR D 182 50.23 9.41 -19.08
N SER D 183 50.77 10.48 -19.67
CA SER D 183 50.31 11.83 -19.39
C SER D 183 49.94 12.63 -20.63
N SER D 184 50.40 12.25 -21.81
CA SER D 184 50.04 12.95 -23.04
C SER D 184 50.29 12.02 -24.22
N VAL D 185 49.66 12.35 -25.35
CA VAL D 185 49.84 11.59 -26.58
C VAL D 185 49.48 12.49 -27.78
N PRO D 186 50.31 12.51 -28.82
CA PRO D 186 49.94 13.24 -30.04
C PRO D 186 49.19 12.37 -31.03
N VAL D 187 48.12 12.93 -31.58
CA VAL D 187 47.22 12.23 -32.48
C VAL D 187 46.83 13.16 -33.62
N THR D 188 45.97 12.65 -34.51
CA THR D 188 45.57 13.33 -35.74
C THR D 188 44.05 13.41 -35.79
N PRO D 189 43.49 14.51 -36.35
CA PRO D 189 42.02 14.65 -36.37
C PRO D 189 41.34 13.67 -37.32
N GLY D 190 41.09 12.46 -36.83
CA GLY D 190 40.43 11.44 -37.62
C GLY D 190 40.92 10.03 -37.34
N GLU D 191 41.97 9.92 -36.53
CA GLU D 191 42.52 8.63 -36.16
C GLU D 191 41.88 8.12 -34.87
N SER D 192 42.28 6.92 -34.45
CA SER D 192 41.73 6.28 -33.26
C SER D 192 42.64 6.54 -32.07
N VAL D 193 42.04 6.87 -30.93
CA VAL D 193 42.77 7.20 -29.71
C VAL D 193 42.34 6.22 -28.62
N SER D 194 43.29 5.84 -27.77
CA SER D 194 43.03 4.92 -26.68
C SER D 194 43.76 5.40 -25.43
N ILE D 195 43.02 5.66 -24.36
CA ILE D 195 43.55 6.10 -23.08
C ILE D 195 43.36 4.96 -22.08
N SER D 196 44.41 4.65 -21.33
CA SER D 196 44.40 3.52 -20.41
C SER D 196 44.41 4.01 -18.97
N CYS D 197 43.76 3.22 -18.10
CA CYS D 197 43.72 3.48 -16.66
C CYS D 197 43.96 2.18 -15.92
N ARG D 198 44.61 2.27 -14.78
CA ARG D 198 44.78 1.09 -13.93
C ARG D 198 44.42 1.32 -12.50
N SER D 199 44.20 0.27 -11.77
CA SER D 199 43.82 0.29 -10.36
C SER D 199 44.73 -0.64 -9.58
N SER D 200 44.66 -0.52 -8.25
CA SER D 200 45.42 -1.40 -7.37
C SER D 200 44.59 -2.53 -6.79
N LYS D 201 43.26 -2.39 -6.77
CA LYS D 201 42.36 -3.42 -6.29
C LYS D 201 41.22 -3.59 -7.29
N SER D 202 40.64 -4.78 -7.32
CA SER D 202 39.59 -5.08 -8.27
C SER D 202 38.37 -4.21 -8.01
N LEU D 203 37.99 -3.40 -9.01
CA LEU D 203 36.83 -2.53 -8.89
C LEU D 203 35.52 -3.28 -9.08
N LEU D 204 35.57 -4.48 -9.66
CA LEU D 204 34.36 -5.27 -9.84
C LEU D 204 33.80 -5.70 -8.50
N HIS D 205 32.48 -5.57 -8.33
CA HIS D 205 31.79 -5.91 -7.10
C HIS D 205 30.99 -7.19 -7.29
N SER D 206 30.62 -7.81 -6.17
CA SER D 206 29.90 -9.08 -6.22
C SER D 206 28.56 -8.94 -6.92
N ASN D 207 27.92 -7.76 -6.84
CA ASN D 207 26.65 -7.58 -7.53
C ASN D 207 26.81 -7.65 -9.04
N GLY D 208 27.91 -7.09 -9.57
CA GLY D 208 28.16 -7.15 -11.00
C GLY D 208 28.55 -5.81 -11.59
N ASN D 209 28.59 -4.78 -10.75
CA ASN D 209 28.91 -3.43 -11.20
C ASN D 209 30.41 -3.19 -11.14
N THR D 210 30.90 -2.33 -12.03
CA THR D 210 32.28 -1.90 -12.05
C THR D 210 32.29 -0.38 -11.93
N TYR D 211 32.71 0.11 -10.77
CA TYR D 211 32.63 1.54 -10.45
C TYR D 211 33.85 2.26 -11.01
N LEU D 212 33.75 2.65 -12.27
CA LEU D 212 34.80 3.43 -12.94
C LEU D 212 34.15 4.53 -13.75
N TYR D 213 34.77 5.71 -13.73
CA TYR D 213 34.21 6.89 -14.40
C TYR D 213 35.27 7.57 -15.26
N TRP D 214 34.81 8.22 -16.33
CA TRP D 214 35.63 9.09 -17.16
C TRP D 214 34.95 10.45 -17.23
N PHE D 215 35.75 11.52 -17.07
CA PHE D 215 35.20 12.86 -16.97
C PHE D 215 35.62 13.76 -18.13
N LEU D 216 36.90 13.85 -18.44
CA LEU D 216 37.41 14.58 -19.60
C LEU D 216 37.01 16.06 -19.55
N GLN D 217 37.54 16.75 -18.54
CA GLN D 217 37.38 18.18 -18.46
C GLN D 217 38.07 18.86 -19.65
N ARG D 218 37.36 19.79 -20.28
CA ARG D 218 37.89 20.50 -21.44
C ARG D 218 38.76 21.68 -20.99
N PRO D 219 39.67 22.14 -21.87
CA PRO D 219 40.61 23.19 -21.46
C PRO D 219 39.97 24.56 -21.31
N GLY D 220 39.36 24.82 -20.15
CA GLY D 220 38.81 26.14 -19.89
C GLY D 220 37.50 26.15 -19.13
N GLN D 221 36.75 25.06 -19.19
CA GLN D 221 35.47 24.96 -18.51
C GLN D 221 35.56 23.95 -17.37
N SER D 222 34.45 23.79 -16.66
CA SER D 222 34.37 22.82 -15.59
C SER D 222 34.29 21.40 -16.15
N PRO D 223 34.64 20.40 -15.35
CA PRO D 223 34.55 19.01 -15.83
C PRO D 223 33.12 18.60 -16.11
N GLN D 224 33.00 17.61 -17.00
CA GLN D 224 31.71 17.00 -17.31
C GLN D 224 31.83 15.48 -17.18
N LEU D 225 30.83 14.74 -17.62
CA LEU D 225 30.82 13.29 -17.49
C LEU D 225 30.71 12.65 -18.86
N LEU D 226 31.63 11.73 -19.16
CA LEU D 226 31.58 10.96 -20.40
C LEU D 226 31.04 9.56 -20.18
N ILE D 227 31.68 8.79 -19.31
CA ILE D 227 31.32 7.39 -19.06
C ILE D 227 31.13 7.19 -17.56
N TYR D 228 30.03 6.56 -17.17
CA TYR D 228 29.79 6.21 -15.78
C TYR D 228 29.64 4.70 -15.66
N ARG D 229 30.27 4.14 -14.63
CA ARG D 229 30.32 2.70 -14.37
C ARG D 229 30.98 1.94 -15.52
N MET D 230 31.95 2.59 -16.18
CA MET D 230 32.95 1.97 -17.04
C MET D 230 32.39 1.51 -18.39
N SER D 231 31.07 1.52 -18.57
CA SER D 231 30.51 1.02 -19.81
C SER D 231 29.44 1.94 -20.39
N ASN D 232 28.76 2.69 -19.52
CA ASN D 232 27.58 3.43 -19.92
C ASN D 232 27.94 4.83 -20.40
N LEU D 233 27.15 5.33 -21.35
CA LEU D 233 27.38 6.63 -21.97
C LEU D 233 26.48 7.68 -21.34
N ALA D 234 26.99 8.91 -21.26
CA ALA D 234 26.25 10.00 -20.64
C ALA D 234 25.10 10.45 -21.55
N SER D 235 24.41 11.50 -21.12
CA SER D 235 23.16 11.89 -21.77
C SER D 235 23.41 12.57 -23.10
N GLY D 236 24.12 13.71 -23.09
CA GLY D 236 24.31 14.52 -24.27
C GLY D 236 25.63 14.36 -24.98
N VAL D 237 26.49 13.44 -24.55
CA VAL D 237 27.80 13.25 -25.17
C VAL D 237 27.62 12.59 -26.52
N PRO D 238 28.47 12.90 -27.51
CA PRO D 238 28.31 12.29 -28.83
C PRO D 238 28.55 10.79 -28.79
N ASP D 239 27.86 10.07 -29.68
CA ASP D 239 27.91 8.61 -29.70
C ASP D 239 29.14 8.12 -30.45
N ARG D 240 30.33 8.60 -30.08
CA ARG D 240 31.58 8.10 -30.63
C ARG D 240 32.58 7.75 -29.54
N PHE D 241 32.16 7.75 -28.28
CA PHE D 241 32.99 7.33 -27.16
C PHE D 241 32.56 5.95 -26.68
N SER D 242 33.51 5.22 -26.10
CA SER D 242 33.22 3.89 -25.58
C SER D 242 34.25 3.54 -24.52
N GLY D 243 33.92 2.55 -23.71
CA GLY D 243 34.82 2.10 -22.66
C GLY D 243 34.72 0.59 -22.49
N SER D 244 35.84 0.01 -22.05
CA SER D 244 35.91 -1.44 -21.83
C SER D 244 36.98 -1.72 -20.80
N GLY D 245 36.87 -2.89 -20.17
CA GLY D 245 37.84 -3.27 -19.15
C GLY D 245 37.66 -4.72 -18.76
N SER D 246 38.52 -5.17 -17.84
CA SER D 246 38.51 -6.54 -17.35
C SER D 246 38.37 -6.67 -15.85
N GLY D 247 38.61 -5.60 -15.09
CA GLY D 247 38.48 -5.65 -13.65
C GLY D 247 39.58 -4.89 -12.93
N THR D 248 40.73 -4.77 -13.57
CA THR D 248 41.85 -4.02 -13.03
C THR D 248 42.39 -2.98 -14.00
N ALA D 249 42.42 -3.29 -15.29
CA ALA D 249 42.88 -2.36 -16.32
C ALA D 249 41.72 -2.01 -17.23
N PHE D 250 41.63 -0.73 -17.60
CA PHE D 250 40.52 -0.25 -18.40
C PHE D 250 41.04 0.69 -19.48
N THR D 251 40.29 0.79 -20.57
CA THR D 251 40.67 1.61 -21.71
C THR D 251 39.48 2.42 -22.19
N LEU D 252 39.74 3.66 -22.61
CA LEU D 252 38.75 4.52 -23.22
C LEU D 252 39.17 4.78 -24.67
N THR D 253 38.26 4.48 -25.60
CA THR D 253 38.55 4.56 -27.03
C THR D 253 37.64 5.60 -27.69
N ILE D 254 38.21 6.39 -28.59
CA ILE D 254 37.49 7.40 -29.34
C ILE D 254 37.61 7.02 -30.81
N SER D 255 36.49 6.63 -31.44
CA SER D 255 36.53 6.13 -32.81
C SER D 255 37.00 7.20 -33.79
N ARG D 256 36.23 8.28 -33.93
CA ARG D 256 36.58 9.40 -34.78
C ARG D 256 37.39 10.40 -33.95
N LEU D 257 37.59 11.60 -34.48
CA LEU D 257 38.25 12.64 -33.71
C LEU D 257 37.83 14.00 -34.24
N GLU D 258 37.33 14.86 -33.36
CA GLU D 258 36.92 16.21 -33.68
C GLU D 258 37.77 17.19 -32.89
N ALA D 259 37.60 18.48 -33.19
CA ALA D 259 38.36 19.52 -32.50
C ALA D 259 37.91 19.75 -31.06
N GLU D 260 36.79 19.16 -30.65
CA GLU D 260 36.25 19.34 -29.31
C GLU D 260 36.74 18.31 -28.32
N ASP D 261 37.54 17.33 -28.76
CA ASP D 261 38.00 16.26 -27.88
C ASP D 261 39.32 16.57 -27.19
N VAL D 262 39.87 17.77 -27.38
CA VAL D 262 41.09 18.15 -26.69
C VAL D 262 40.78 18.42 -25.22
N GLY D 263 41.75 18.15 -24.36
CA GLY D 263 41.60 18.35 -22.94
C GLY D 263 42.33 17.26 -22.17
N VAL D 264 41.98 17.13 -20.90
CA VAL D 264 42.58 16.16 -20.00
C VAL D 264 41.50 15.20 -19.53
N TYR D 265 41.76 13.90 -19.67
CA TYR D 265 40.80 12.86 -19.32
C TYR D 265 41.13 12.28 -17.96
N TYR D 266 40.10 12.06 -17.14
CA TYR D 266 40.28 11.67 -15.75
C TYR D 266 39.63 10.32 -15.47
N CYS D 267 40.13 9.65 -14.44
CA CYS D 267 39.75 8.29 -14.11
C CYS D 267 39.48 8.22 -12.61
N MET D 268 38.24 7.93 -12.23
CA MET D 268 37.81 7.98 -10.84
C MET D 268 37.08 6.69 -10.48
N GLN D 269 37.29 6.21 -9.25
CA GLN D 269 36.66 5.00 -8.75
C GLN D 269 35.71 5.32 -7.60
N HIS D 270 34.59 4.60 -7.54
CA HIS D 270 33.56 4.86 -6.55
C HIS D 270 33.20 3.59 -5.79
N LEU D 271 34.20 2.73 -5.55
CA LEU D 271 33.98 1.49 -4.81
C LEU D 271 33.98 1.77 -3.31
N GLU D 272 35.10 2.26 -2.80
CA GLU D 272 35.23 2.61 -1.39
C GLU D 272 34.85 4.07 -1.22
N TYR D 273 34.99 4.64 -0.02
CA TYR D 273 34.72 6.11 0.07
C TYR D 273 35.85 7.12 -0.20
N PRO D 274 37.12 6.80 0.10
CA PRO D 274 38.16 7.78 -0.23
C PRO D 274 37.95 8.51 -1.57
N LEU D 275 37.46 7.81 -2.60
CA LEU D 275 37.16 8.45 -3.90
C LEU D 275 38.39 8.96 -4.64
N THR D 276 39.41 8.13 -4.74
CA THR D 276 40.60 8.47 -5.50
C THR D 276 40.54 8.63 -7.01
N PHE D 277 41.11 9.74 -7.50
CA PHE D 277 41.17 10.07 -8.91
C PHE D 277 42.44 9.49 -9.55
N GLY D 278 42.56 9.71 -10.85
CA GLY D 278 43.76 9.37 -11.58
C GLY D 278 44.71 10.54 -11.69
N ALA D 279 45.52 10.53 -12.74
CA ALA D 279 46.49 11.60 -12.99
C ALA D 279 46.05 12.52 -14.13
N GLY D 280 45.66 11.96 -15.27
CA GLY D 280 45.22 12.77 -16.39
C GLY D 280 46.10 12.63 -17.62
N THR D 281 45.48 12.57 -18.80
CA THR D 281 46.19 12.43 -20.07
C THR D 281 45.71 13.51 -21.02
N LYS D 282 46.56 14.52 -21.25
CA LYS D 282 46.22 15.60 -22.17
C LYS D 282 46.39 15.14 -23.62
N LEU D 283 45.50 15.62 -24.48
CA LEU D 283 45.56 15.34 -25.92
C LEU D 283 45.83 16.63 -26.67
N GLU D 284 46.83 16.61 -27.54
CA GLU D 284 47.24 17.77 -28.32
C GLU D 284 46.99 17.50 -29.80
N LEU D 285 46.26 18.40 -30.45
CA LEU D 285 45.97 18.27 -31.87
C LEU D 285 46.56 19.45 -32.65
N ALA E 7 -32.19 5.54 -36.95
CA ALA E 7 -32.04 4.24 -36.33
C ALA E 7 -31.93 3.15 -37.38
N SER E 8 -33.06 2.54 -37.73
CA SER E 8 -33.08 1.47 -38.73
C SER E 8 -32.62 1.99 -40.09
N ILE E 9 -33.05 3.21 -40.42
CA ILE E 9 -32.69 3.83 -41.70
C ILE E 9 -31.17 3.80 -41.93
N ALA E 10 -30.40 3.77 -40.85
CA ALA E 10 -28.93 3.73 -40.95
C ALA E 10 -28.04 2.58 -40.42
N GLN E 11 -28.08 2.30 -39.12
CA GLN E 11 -27.20 1.29 -38.55
C GLN E 11 -27.48 -0.04 -39.14
N ALA E 12 -28.74 -0.36 -39.29
CA ALA E 12 -29.05 -1.66 -39.77
C ALA E 12 -28.39 -1.68 -41.10
N ARG E 13 -28.35 -0.54 -41.76
CA ARG E 13 -27.64 -0.51 -43.01
C ARG E 13 -26.21 -0.92 -42.70
N LYS E 14 -25.63 -0.45 -41.59
CA LYS E 14 -24.26 -0.86 -41.18
C LYS E 14 -23.90 -2.28 -40.69
N LEU E 15 -24.75 -2.90 -39.88
CA LEU E 15 -24.42 -4.20 -39.35
C LEU E 15 -24.33 -5.09 -40.50
N VAL E 16 -25.15 -4.86 -41.49
CA VAL E 16 -25.16 -5.77 -42.58
C VAL E 16 -23.78 -5.75 -43.14
N GLU E 17 -23.21 -4.58 -43.26
CA GLU E 17 -21.86 -4.47 -43.79
C GLU E 17 -20.79 -5.23 -42.99
N GLN E 18 -20.65 -4.98 -41.68
CA GLN E 18 -19.63 -5.59 -40.86
C GLN E 18 -19.76 -7.11 -40.83
N LEU E 19 -20.98 -7.61 -40.71
CA LEU E 19 -21.15 -9.05 -40.69
C LEU E 19 -20.82 -9.64 -42.05
N LYS E 20 -21.18 -8.98 -43.13
CA LYS E 20 -20.79 -9.48 -44.46
C LYS E 20 -19.27 -9.53 -44.59
N MET E 21 -18.58 -8.51 -44.09
CA MET E 21 -17.12 -8.49 -44.16
C MET E 21 -16.50 -9.60 -43.32
N GLU E 22 -17.07 -9.86 -42.13
CA GLU E 22 -16.46 -10.81 -41.21
C GLU E 22 -16.62 -12.25 -41.68
N ALA E 23 -17.59 -12.52 -42.56
CA ALA E 23 -17.85 -13.89 -42.98
C ALA E 23 -16.72 -14.48 -43.80
N ASN E 24 -16.07 -13.68 -44.64
CA ASN E 24 -15.04 -14.18 -45.57
C ASN E 24 -13.69 -14.10 -44.89
N ILE E 25 -13.28 -15.20 -44.25
CA ILE E 25 -11.98 -15.33 -43.60
C ILE E 25 -11.44 -16.73 -43.87
N ASP E 26 -10.17 -16.85 -44.16
CA ASP E 26 -9.63 -18.16 -44.35
C ASP E 26 -9.50 -18.87 -43.04
N ARG E 27 -9.72 -20.17 -43.02
CA ARG E 27 -9.73 -20.98 -41.80
C ARG E 27 -8.91 -22.23 -41.98
N ILE E 28 -8.57 -22.90 -40.88
CA ILE E 28 -7.78 -24.11 -40.94
C ILE E 28 -8.39 -25.25 -40.18
N LYS E 29 -7.70 -26.37 -40.13
CA LYS E 29 -8.16 -27.53 -39.36
C LYS E 29 -7.77 -27.36 -37.90
N VAL E 30 -8.70 -27.69 -37.00
CA VAL E 30 -8.45 -27.53 -35.58
C VAL E 30 -7.34 -28.45 -35.11
N SER E 31 -7.24 -29.66 -35.67
CA SER E 31 -6.16 -30.56 -35.31
C SER E 31 -4.81 -29.96 -35.68
N LYS E 32 -4.72 -29.29 -36.82
CA LYS E 32 -3.49 -28.60 -37.19
C LYS E 32 -3.19 -27.45 -36.23
N ALA E 33 -4.24 -26.77 -35.75
CA ALA E 33 -4.04 -25.68 -34.80
C ALA E 33 -3.44 -26.19 -33.49
N ALA E 34 -3.67 -27.45 -33.15
CA ALA E 34 -3.15 -28.05 -31.93
C ALA E 34 -1.70 -28.51 -32.06
N ALA E 35 -1.00 -28.09 -33.11
CA ALA E 35 0.39 -28.49 -33.35
C ALA E 35 1.38 -27.36 -33.13
N ASP E 36 1.07 -26.14 -33.60
CA ASP E 36 2.01 -25.03 -33.44
C ASP E 36 2.18 -24.66 -31.97
N LEU E 37 1.11 -24.68 -31.20
CA LEU E 37 1.21 -24.39 -29.76
C LEU E 37 2.08 -25.43 -29.07
N MET E 38 1.85 -26.72 -29.37
CA MET E 38 2.71 -27.77 -28.82
C MET E 38 4.15 -27.54 -29.26
N ALA E 39 4.37 -27.39 -30.57
CA ALA E 39 5.73 -27.23 -31.10
C ALA E 39 6.47 -26.11 -30.37
N TYR E 40 5.80 -24.98 -30.15
CA TYR E 40 6.39 -23.91 -29.34
C TYR E 40 6.68 -24.38 -27.92
N CYS E 41 5.77 -25.17 -27.35
CA CYS E 41 5.96 -25.63 -25.97
C CYS E 41 7.23 -26.48 -25.82
N GLU E 42 7.40 -27.49 -26.67
CA GLU E 42 8.64 -28.27 -26.56
C GLU E 42 9.86 -27.52 -27.09
N ALA E 43 9.70 -26.56 -28.00
CA ALA E 43 10.86 -25.82 -28.47
C ALA E 43 11.36 -24.82 -27.43
N HIS E 44 10.52 -24.41 -26.48
CA HIS E 44 10.92 -23.44 -25.47
C HIS E 44 10.74 -23.99 -24.04
N ALA E 45 10.59 -25.30 -23.89
CA ALA E 45 10.52 -25.88 -22.55
C ALA E 45 11.78 -25.67 -21.74
N LYS E 46 12.95 -25.61 -22.38
CA LYS E 46 14.20 -25.45 -21.67
C LYS E 46 14.56 -24.00 -21.38
N GLU E 47 13.74 -23.04 -21.81
CA GLU E 47 13.97 -21.64 -21.54
C GLU E 47 13.00 -21.07 -20.50
N ASP E 48 12.28 -21.93 -19.78
CA ASP E 48 11.30 -21.50 -18.81
C ASP E 48 11.81 -21.73 -17.40
N PRO E 49 12.27 -20.68 -16.70
CA PRO E 49 12.70 -20.87 -15.31
C PRO E 49 11.60 -21.36 -14.38
N LEU E 50 10.35 -20.93 -14.62
CA LEU E 50 9.25 -21.35 -13.75
C LEU E 50 8.92 -22.82 -13.92
N LEU E 51 9.13 -23.38 -15.12
CA LEU E 51 8.78 -24.77 -15.37
C LEU E 51 9.75 -25.70 -14.67
N THR E 52 11.03 -25.63 -15.03
CA THR E 52 12.06 -26.47 -14.42
C THR E 52 12.63 -25.74 -13.21
N PRO E 53 12.58 -26.33 -12.01
CA PRO E 53 13.16 -25.66 -10.84
C PRO E 53 14.64 -25.39 -11.03
N VAL E 54 15.07 -24.24 -10.53
CA VAL E 54 16.43 -23.73 -10.73
C VAL E 54 17.15 -23.77 -9.39
N PRO E 55 18.40 -24.21 -9.34
CA PRO E 55 19.17 -24.13 -8.08
C PRO E 55 19.48 -22.69 -7.72
N ALA E 56 19.77 -22.48 -6.44
CA ALA E 56 20.01 -21.14 -5.94
C ALA E 56 21.43 -20.67 -6.26
N SER E 57 21.80 -20.73 -7.52
CA SER E 57 23.11 -20.27 -7.97
C SER E 57 23.03 -19.32 -9.15
N GLU E 58 22.07 -19.53 -10.06
CA GLU E 58 21.91 -18.69 -11.24
C GLU E 58 20.56 -17.97 -11.23
N ASN E 59 20.01 -17.73 -10.05
CA ASN E 59 18.78 -16.97 -9.90
C ASN E 59 18.97 -15.85 -8.89
N PRO E 60 18.36 -14.69 -9.12
CA PRO E 60 18.58 -13.54 -8.23
C PRO E 60 17.60 -13.40 -7.08
N PHE E 61 16.76 -14.39 -6.82
CA PHE E 61 15.80 -14.35 -5.72
C PHE E 61 16.12 -15.38 -4.64
N ARG E 62 17.39 -15.74 -4.50
CA ARG E 62 17.80 -16.64 -3.42
C ARG E 62 17.64 -15.95 -2.08
N GLU E 63 17.16 -16.71 -1.08
CA GLU E 63 16.90 -16.19 0.25
C GLU E 63 15.94 -14.99 0.21
#